data_1WG2
#
_entry.id   1WG2
#
loop_
_entity.id
_entity.type
_entity.pdbx_description
1 polymer 'zinc finger (AN1-like) family protein'
2 non-polymer 'ZINC ION'
#
_entity_poly.entity_id   1
_entity_poly.type   'polypeptide(L)'
_entity_poly.pdbx_seq_one_letter_code
;GSSGSSGPSRPVRPNNRCFSCNKKVGVMGFKCKCGSTFCGSHRYPEKHECSFDFKEVGSGPSSG
;
_entity_poly.pdbx_strand_id   A
#
loop_
_chem_comp.id
_chem_comp.type
_chem_comp.name
_chem_comp.formula
ZN non-polymer 'ZINC ION' 'Zn 2'
#
# COMPACT_ATOMS: atom_id res chain seq x y z
N GLY A 1 13.55 -7.72 34.72
CA GLY A 1 14.00 -6.38 34.44
C GLY A 1 13.43 -5.83 33.14
N SER A 2 14.16 -4.89 32.54
CA SER A 2 13.72 -4.28 31.28
C SER A 2 14.33 -5.00 30.09
N SER A 3 13.49 -5.60 29.26
CA SER A 3 13.94 -6.32 28.08
C SER A 3 14.62 -5.37 27.09
N GLY A 4 13.91 -4.31 26.72
CA GLY A 4 14.46 -3.35 25.78
C GLY A 4 13.79 -3.41 24.43
N SER A 5 13.34 -2.26 23.93
CA SER A 5 12.68 -2.19 22.63
C SER A 5 13.17 -0.99 21.84
N SER A 6 13.49 -1.22 20.57
CA SER A 6 13.97 -0.15 19.70
C SER A 6 12.84 0.83 19.36
N GLY A 7 11.83 0.34 18.66
CA GLY A 7 10.71 1.18 18.28
C GLY A 7 9.79 0.51 17.29
N PRO A 8 8.62 0.06 17.76
CA PRO A 8 7.63 -0.61 16.92
C PRO A 8 6.96 0.34 15.95
N SER A 9 7.33 1.61 16.01
CA SER A 9 6.77 2.62 15.14
C SER A 9 7.82 3.14 14.16
N ARG A 10 7.39 3.40 12.92
CA ARG A 10 8.29 3.89 11.88
C ARG A 10 8.48 5.40 11.99
N PRO A 11 9.60 5.90 11.48
CA PRO A 11 9.92 7.33 11.50
C PRO A 11 9.02 8.15 10.57
N VAL A 12 9.30 9.44 10.48
CA VAL A 12 8.52 10.33 9.63
C VAL A 12 8.96 10.22 8.16
N ARG A 13 9.17 8.99 7.70
CA ARG A 13 9.59 8.75 6.33
C ARG A 13 8.44 8.99 5.36
N PRO A 14 8.79 9.34 4.10
CA PRO A 14 7.80 9.60 3.05
C PRO A 14 7.07 8.32 2.61
N ASN A 15 6.21 8.46 1.60
CA ASN A 15 5.46 7.33 1.09
C ASN A 15 5.82 7.05 -0.37
N ASN A 16 6.97 7.55 -0.80
CA ASN A 16 7.42 7.37 -2.18
C ASN A 16 8.26 6.10 -2.30
N ARG A 17 7.59 4.97 -2.50
CA ARG A 17 8.27 3.70 -2.64
C ARG A 17 7.29 2.60 -3.06
N CYS A 18 7.81 1.57 -3.72
CA CYS A 18 6.98 0.47 -4.18
C CYS A 18 6.84 -0.60 -3.09
N PHE A 19 5.61 -1.05 -2.88
CA PHE A 19 5.34 -2.07 -1.87
C PHE A 19 5.66 -3.46 -2.39
N SER A 20 6.52 -3.53 -3.41
CA SER A 20 6.90 -4.80 -4.00
C SER A 20 8.42 -4.85 -4.22
N CYS A 21 8.98 -3.75 -4.69
CA CYS A 21 10.42 -3.67 -4.93
C CYS A 21 11.06 -2.58 -4.08
N ASN A 22 10.22 -1.82 -3.38
CA ASN A 22 10.71 -0.74 -2.52
C ASN A 22 11.39 0.34 -3.35
N LYS A 23 11.01 0.44 -4.63
CA LYS A 23 11.59 1.43 -5.52
C LYS A 23 10.88 2.78 -5.36
N LYS A 24 11.59 3.76 -4.83
CA LYS A 24 11.04 5.09 -4.62
C LYS A 24 10.19 5.51 -5.81
N VAL A 25 8.89 5.68 -5.59
CA VAL A 25 7.97 6.07 -6.64
C VAL A 25 7.64 7.56 -6.54
N GLY A 26 8.53 8.32 -5.90
CA GLY A 26 8.31 9.74 -5.76
C GLY A 26 6.85 10.09 -5.52
N VAL A 27 6.39 11.16 -6.16
CA VAL A 27 5.00 11.59 -6.01
C VAL A 27 4.19 11.23 -7.25
N MET A 28 4.64 10.22 -7.98
CA MET A 28 3.95 9.78 -9.18
C MET A 28 3.72 8.28 -9.15
N GLY A 29 3.59 7.72 -7.95
CA GLY A 29 3.36 6.30 -7.80
C GLY A 29 1.91 5.92 -7.96
N PHE A 30 1.61 4.62 -7.86
CA PHE A 30 0.25 4.14 -7.98
C PHE A 30 -0.26 3.61 -6.65
N LYS A 31 -1.09 4.40 -5.98
CA LYS A 31 -1.66 4.01 -4.70
C LYS A 31 -2.88 3.12 -4.88
N CYS A 32 -2.89 1.99 -4.18
CA CYS A 32 -4.00 1.05 -4.27
C CYS A 32 -5.08 1.39 -3.25
N LYS A 33 -6.29 0.89 -3.48
CA LYS A 33 -7.42 1.14 -2.59
C LYS A 33 -7.07 0.73 -1.15
N CYS A 34 -6.25 -0.31 -1.03
CA CYS A 34 -5.84 -0.80 0.28
C CYS A 34 -5.04 0.26 1.04
N GLY A 35 -4.25 1.03 0.30
CA GLY A 35 -3.44 2.07 0.91
C GLY A 35 -1.96 1.80 0.78
N SER A 36 -1.56 1.17 -0.32
CA SER A 36 -0.16 0.86 -0.55
C SER A 36 0.36 1.59 -1.79
N THR A 37 1.66 1.89 -1.79
CA THR A 37 2.28 2.59 -2.90
C THR A 37 3.07 1.63 -3.78
N PHE A 38 2.92 1.77 -5.10
CA PHE A 38 3.62 0.92 -6.04
C PHE A 38 4.24 1.75 -7.17
N CYS A 39 5.16 1.13 -7.91
CA CYS A 39 5.83 1.81 -9.02
C CYS A 39 5.08 1.58 -10.33
N GLY A 40 3.77 1.41 -10.24
CA GLY A 40 2.96 1.18 -11.41
C GLY A 40 3.01 -0.27 -11.88
N SER A 41 4.18 -0.88 -11.77
CA SER A 41 4.35 -2.27 -12.19
C SER A 41 3.83 -3.23 -11.12
N HIS A 42 3.73 -2.74 -9.90
CA HIS A 42 3.25 -3.57 -8.80
C HIS A 42 1.99 -2.93 -8.20
N ARG A 43 1.36 -2.08 -9.00
CA ARG A 43 0.14 -1.40 -8.58
C ARG A 43 -1.05 -2.36 -8.54
N TYR A 44 -0.88 -3.52 -9.18
CA TYR A 44 -1.94 -4.52 -9.22
C TYR A 44 -2.05 -5.26 -7.89
N PRO A 45 -3.28 -5.66 -7.53
CA PRO A 45 -3.54 -6.38 -6.28
C PRO A 45 -2.98 -7.79 -6.29
N GLU A 46 -2.98 -8.41 -7.47
CA GLU A 46 -2.47 -9.77 -7.60
C GLU A 46 -0.96 -9.81 -7.40
N LYS A 47 -0.33 -8.65 -7.57
CA LYS A 47 1.12 -8.54 -7.41
C LYS A 47 1.48 -8.01 -6.03
N HIS A 48 0.54 -8.09 -5.11
CA HIS A 48 0.76 -7.61 -3.76
C HIS A 48 -0.42 -8.00 -2.87
N GLU A 49 -0.10 -8.70 -1.78
CA GLU A 49 -1.11 -9.14 -0.83
C GLU A 49 -2.14 -8.03 -0.58
N CYS A 50 -3.21 -8.03 -1.37
CA CYS A 50 -4.27 -7.04 -1.23
C CYS A 50 -5.49 -7.62 -0.53
N SER A 51 -5.57 -7.42 0.78
CA SER A 51 -6.70 -7.92 1.56
C SER A 51 -8.02 -7.38 1.04
N PHE A 52 -8.01 -6.12 0.62
CA PHE A 52 -9.20 -5.48 0.10
C PHE A 52 -10.04 -6.45 -0.71
N ASP A 53 -11.35 -6.40 -0.53
CA ASP A 53 -12.27 -7.28 -1.24
C ASP A 53 -13.00 -6.53 -2.36
N PHE A 54 -12.37 -6.46 -3.52
CA PHE A 54 -12.96 -5.76 -4.66
C PHE A 54 -14.21 -6.49 -5.16
N LYS A 55 -14.09 -7.79 -5.33
CA LYS A 55 -15.20 -8.61 -5.81
C LYS A 55 -16.53 -8.09 -5.26
N GLU A 56 -17.57 -8.12 -6.09
CA GLU A 56 -18.88 -7.65 -5.69
C GLU A 56 -19.32 -8.30 -4.39
N VAL A 57 -20.42 -7.81 -3.83
CA VAL A 57 -20.95 -8.35 -2.57
C VAL A 57 -20.97 -9.87 -2.61
N GLY A 58 -20.71 -10.48 -1.46
CA GLY A 58 -20.71 -11.92 -1.37
C GLY A 58 -20.75 -12.43 0.06
N SER A 59 -19.71 -12.12 0.83
CA SER A 59 -19.63 -12.54 2.22
C SER A 59 -20.87 -12.07 3.00
N GLY A 60 -21.00 -12.56 4.23
CA GLY A 60 -22.13 -12.18 5.06
C GLY A 60 -21.71 -11.77 6.45
N PRO A 61 -21.42 -12.77 7.31
CA PRO A 61 -21.00 -12.53 8.69
C PRO A 61 -19.61 -11.91 8.78
N SER A 62 -19.25 -11.45 9.97
CA SER A 62 -17.93 -10.84 10.19
C SER A 62 -16.82 -11.84 9.95
N SER A 63 -15.76 -11.39 9.27
CA SER A 63 -14.62 -12.25 8.97
C SER A 63 -13.34 -11.44 8.90
N GLY A 64 -12.24 -12.04 9.36
CA GLY A 64 -10.96 -11.36 9.34
C GLY A 64 -10.96 -10.09 10.15
ZN ZN B . 7.61 -1.84 -8.15
ZN ZN C . -3.81 -3.33 -2.70
N GLY A 1 21.55 -11.44 24.74
CA GLY A 1 21.41 -10.49 23.66
C GLY A 1 22.42 -9.36 23.75
N SER A 2 22.38 -8.44 22.79
CA SER A 2 23.29 -7.31 22.76
C SER A 2 22.69 -6.14 21.99
N SER A 3 22.77 -4.96 22.58
CA SER A 3 22.23 -3.75 21.94
C SER A 3 23.36 -2.86 21.43
N GLY A 4 23.45 -2.74 20.11
CA GLY A 4 24.48 -1.91 19.51
C GLY A 4 24.03 -1.32 18.18
N SER A 5 23.12 -0.36 18.24
CA SER A 5 22.61 0.29 17.03
C SER A 5 21.78 1.51 17.39
N SER A 6 22.11 2.64 16.77
CA SER A 6 21.38 3.89 17.01
C SER A 6 21.52 4.84 15.82
N GLY A 7 20.39 5.41 15.41
CA GLY A 7 20.39 6.33 14.29
C GLY A 7 19.04 6.97 14.06
N PRO A 8 19.02 8.06 13.27
CA PRO A 8 17.79 8.79 12.96
C PRO A 8 16.87 8.00 12.04
N SER A 9 15.64 7.75 12.50
CA SER A 9 14.67 7.01 11.71
C SER A 9 13.39 7.82 11.51
N ARG A 10 13.37 8.58 10.42
CA ARG A 10 12.20 9.41 10.10
C ARG A 10 10.91 8.61 10.23
N PRO A 11 9.81 9.31 10.56
CA PRO A 11 8.50 8.68 10.70
C PRO A 11 7.92 8.20 9.39
N VAL A 12 6.63 7.87 9.39
CA VAL A 12 5.96 7.40 8.18
C VAL A 12 5.49 8.56 7.33
N ARG A 13 6.26 9.65 7.33
CA ARG A 13 5.92 10.83 6.55
C ARG A 13 5.98 10.53 5.05
N PRO A 14 7.17 10.13 4.58
CA PRO A 14 7.39 9.80 3.17
C PRO A 14 6.68 8.52 2.75
N ASN A 15 6.04 8.56 1.58
CA ASN A 15 5.32 7.39 1.07
C ASN A 15 5.68 7.13 -0.39
N ASN A 16 6.86 7.59 -0.80
CA ASN A 16 7.32 7.41 -2.16
C ASN A 16 8.18 6.15 -2.30
N ARG A 17 7.51 5.01 -2.50
CA ARG A 17 8.20 3.73 -2.63
C ARG A 17 7.24 2.64 -3.06
N CYS A 18 7.78 1.59 -3.68
CA CYS A 18 6.97 0.47 -4.14
C CYS A 18 6.85 -0.60 -3.06
N PHE A 19 5.63 -1.08 -2.84
CA PHE A 19 5.38 -2.11 -1.84
C PHE A 19 5.72 -3.49 -2.38
N SER A 20 6.57 -3.53 -3.40
CA SER A 20 6.97 -4.80 -4.02
C SER A 20 8.48 -4.84 -4.22
N CYS A 21 9.05 -3.71 -4.63
CA CYS A 21 10.48 -3.63 -4.86
C CYS A 21 11.11 -2.52 -4.03
N ASN A 22 10.26 -1.76 -3.33
CA ASN A 22 10.72 -0.66 -2.50
C ASN A 22 11.37 0.43 -3.34
N LYS A 23 10.98 0.50 -4.61
CA LYS A 23 11.53 1.50 -5.53
C LYS A 23 10.82 2.84 -5.35
N LYS A 24 11.55 3.81 -4.80
CA LYS A 24 11.00 5.13 -4.58
C LYS A 24 10.18 5.60 -5.77
N VAL A 25 8.86 5.69 -5.58
CA VAL A 25 7.97 6.12 -6.65
C VAL A 25 7.67 7.61 -6.56
N GLY A 26 8.53 8.33 -5.84
CA GLY A 26 8.35 9.76 -5.69
C GLY A 26 6.90 10.15 -5.53
N VAL A 27 6.48 11.21 -6.22
CA VAL A 27 5.10 11.67 -6.15
C VAL A 27 4.31 11.23 -7.37
N MET A 28 4.76 10.16 -8.00
CA MET A 28 4.10 9.64 -9.20
C MET A 28 3.87 8.13 -9.07
N GLY A 29 3.54 7.68 -7.86
CA GLY A 29 3.31 6.28 -7.63
C GLY A 29 1.85 5.90 -7.78
N PHE A 30 1.58 4.60 -7.81
CA PHE A 30 0.21 4.11 -7.95
C PHE A 30 -0.32 3.58 -6.62
N LYS A 31 -1.12 4.39 -5.94
CA LYS A 31 -1.70 4.01 -4.65
C LYS A 31 -2.93 3.13 -4.85
N CYS A 32 -2.91 1.95 -4.24
CA CYS A 32 -4.04 1.02 -4.35
C CYS A 32 -5.09 1.33 -3.30
N LYS A 33 -6.31 0.85 -3.54
CA LYS A 33 -7.41 1.06 -2.62
C LYS A 33 -7.07 0.56 -1.22
N CYS A 34 -6.20 -0.45 -1.16
CA CYS A 34 -5.78 -1.02 0.12
C CYS A 34 -5.04 0.00 0.95
N GLY A 35 -4.24 0.83 0.28
CA GLY A 35 -3.47 1.85 0.99
C GLY A 35 -1.98 1.64 0.86
N SER A 36 -1.55 1.04 -0.24
CA SER A 36 -0.14 0.77 -0.48
C SER A 36 0.35 1.52 -1.72
N THR A 37 1.65 1.82 -1.75
CA THR A 37 2.24 2.54 -2.87
C THR A 37 3.05 1.59 -3.75
N PHE A 38 2.90 1.74 -5.06
CA PHE A 38 3.61 0.90 -6.02
C PHE A 38 4.20 1.74 -7.15
N CYS A 39 5.13 1.15 -7.89
CA CYS A 39 5.77 1.83 -9.00
C CYS A 39 5.09 1.49 -10.33
N GLY A 40 3.78 1.30 -10.28
CA GLY A 40 3.04 0.96 -11.49
C GLY A 40 3.18 -0.50 -11.86
N SER A 41 4.41 -1.01 -11.80
CA SER A 41 4.68 -2.39 -12.15
C SER A 41 4.13 -3.34 -11.07
N HIS A 42 3.88 -2.80 -9.89
CA HIS A 42 3.36 -3.60 -8.80
C HIS A 42 2.11 -2.93 -8.22
N ARG A 43 1.46 -2.14 -9.07
CA ARG A 43 0.24 -1.43 -8.67
C ARG A 43 -0.96 -2.37 -8.66
N TYR A 44 -0.80 -3.54 -9.29
CA TYR A 44 -1.88 -4.52 -9.36
C TYR A 44 -2.03 -5.25 -8.04
N PRO A 45 -3.26 -5.69 -7.74
CA PRO A 45 -3.57 -6.41 -6.51
C PRO A 45 -2.97 -7.81 -6.49
N GLU A 46 -2.85 -8.41 -7.67
CA GLU A 46 -2.29 -9.76 -7.79
C GLU A 46 -0.78 -9.74 -7.59
N LYS A 47 -0.19 -8.54 -7.69
CA LYS A 47 1.25 -8.39 -7.51
C LYS A 47 1.56 -7.83 -6.12
N HIS A 48 0.63 -7.96 -5.21
CA HIS A 48 0.82 -7.47 -3.86
C HIS A 48 -0.36 -7.91 -2.98
N GLU A 49 -0.01 -8.40 -1.78
CA GLU A 49 -1.02 -8.85 -0.83
C GLU A 49 -2.13 -7.83 -0.68
N CYS A 50 -3.15 -7.94 -1.52
CA CYS A 50 -4.29 -7.02 -1.49
C CYS A 50 -5.48 -7.66 -0.79
N SER A 51 -5.66 -7.34 0.49
CA SER A 51 -6.75 -7.89 1.27
C SER A 51 -7.97 -6.97 1.21
N PHE A 52 -8.17 -6.34 0.06
CA PHE A 52 -9.30 -5.42 -0.11
C PHE A 52 -10.48 -6.13 -0.77
N ASP A 53 -11.54 -6.35 0.01
CA ASP A 53 -12.73 -7.02 -0.50
C ASP A 53 -13.31 -6.26 -1.69
N PHE A 54 -12.86 -6.60 -2.89
CA PHE A 54 -13.34 -5.95 -4.10
C PHE A 54 -14.67 -6.55 -4.56
N LYS A 55 -14.71 -7.87 -4.67
CA LYS A 55 -15.92 -8.57 -5.10
C LYS A 55 -16.84 -8.82 -3.91
N GLU A 56 -18.14 -8.67 -4.14
CA GLU A 56 -19.13 -8.88 -3.10
C GLU A 56 -19.39 -10.36 -2.88
N VAL A 57 -19.35 -10.79 -1.63
CA VAL A 57 -19.58 -12.19 -1.28
C VAL A 57 -20.73 -12.77 -2.09
N GLY A 58 -20.40 -13.51 -3.15
CA GLY A 58 -21.42 -14.10 -3.98
C GLY A 58 -20.85 -15.11 -4.97
N SER A 59 -21.08 -14.88 -6.26
CA SER A 59 -20.58 -15.78 -7.29
C SER A 59 -19.15 -16.22 -6.98
N GLY A 60 -19.01 -17.48 -6.55
CA GLY A 60 -17.70 -18.00 -6.23
C GLY A 60 -16.94 -18.47 -7.46
N PRO A 61 -15.90 -19.28 -7.25
CA PRO A 61 -15.08 -19.81 -8.34
C PRO A 61 -15.82 -20.83 -9.20
N SER A 62 -15.70 -20.68 -10.52
CA SER A 62 -16.36 -21.59 -11.44
C SER A 62 -15.63 -21.63 -12.78
N SER A 63 -15.91 -22.68 -13.56
CA SER A 63 -15.27 -22.83 -14.86
C SER A 63 -16.30 -22.70 -15.99
N GLY A 64 -15.82 -22.32 -17.17
CA GLY A 64 -16.71 -22.16 -18.31
C GLY A 64 -17.04 -20.71 -18.59
ZN ZN B . 7.69 -1.83 -8.09
ZN ZN C . -3.94 -3.38 -2.87
N GLY A 1 -10.53 2.06 22.52
CA GLY A 1 -10.86 0.65 22.61
C GLY A 1 -9.62 -0.22 22.80
N SER A 2 -9.79 -1.53 22.60
CA SER A 2 -8.69 -2.47 22.76
C SER A 2 -7.63 -2.25 21.68
N SER A 3 -6.67 -1.37 21.97
CA SER A 3 -5.60 -1.07 21.02
C SER A 3 -4.24 -1.38 21.63
N GLY A 4 -3.35 -1.96 20.82
CA GLY A 4 -2.02 -2.30 21.29
C GLY A 4 -0.98 -1.31 20.83
N SER A 5 0.29 -1.66 21.03
CA SER A 5 1.40 -0.79 20.62
C SER A 5 1.72 -0.97 19.15
N SER A 6 0.68 -0.96 18.32
CA SER A 6 0.84 -1.11 16.88
C SER A 6 1.18 0.22 16.22
N GLY A 7 0.45 1.26 16.60
CA GLY A 7 0.68 2.57 16.04
C GLY A 7 -0.60 3.30 15.72
N PRO A 8 -0.91 4.34 16.51
CA PRO A 8 -2.12 5.15 16.34
C PRO A 8 -2.07 6.01 15.07
N SER A 9 -0.89 6.54 14.77
CA SER A 9 -0.70 7.38 13.60
C SER A 9 0.76 7.40 13.17
N ARG A 10 0.99 7.78 11.92
CA ARG A 10 2.35 7.83 11.38
C ARG A 10 2.71 9.26 10.95
N PRO A 11 3.95 9.66 11.20
CA PRO A 11 4.45 11.00 10.85
C PRO A 11 4.60 11.17 9.34
N VAL A 12 5.34 12.20 8.94
CA VAL A 12 5.57 12.47 7.53
C VAL A 12 6.60 11.51 6.94
N ARG A 13 6.44 10.24 7.24
CA ARG A 13 7.35 9.21 6.74
C ARG A 13 7.33 9.16 5.21
N PRO A 14 8.46 8.75 4.62
CA PRO A 14 8.60 8.64 3.16
C PRO A 14 7.77 7.51 2.59
N ASN A 15 6.67 7.85 1.93
CA ASN A 15 5.78 6.86 1.33
C ASN A 15 6.22 6.54 -0.10
N ASN A 16 6.86 7.51 -0.74
CA ASN A 16 7.32 7.34 -2.12
C ASN A 16 8.17 6.08 -2.25
N ARG A 17 7.53 4.95 -2.47
CA ARG A 17 8.22 3.67 -2.62
C ARG A 17 7.26 2.56 -3.03
N CYS A 18 7.78 1.56 -3.72
CA CYS A 18 6.97 0.44 -4.19
C CYS A 18 6.85 -0.62 -3.10
N PHE A 19 5.62 -1.11 -2.91
CA PHE A 19 5.36 -2.14 -1.90
C PHE A 19 5.72 -3.53 -2.42
N SER A 20 6.58 -3.56 -3.43
CA SER A 20 7.00 -4.83 -4.02
C SER A 20 8.52 -4.86 -4.23
N CYS A 21 9.07 -3.74 -4.72
CA CYS A 21 10.49 -3.64 -4.95
C CYS A 21 11.12 -2.54 -4.09
N ASN A 22 10.26 -1.80 -3.39
CA ASN A 22 10.72 -0.72 -2.53
C ASN A 22 11.39 0.39 -3.35
N LYS A 23 11.00 0.48 -4.62
CA LYS A 23 11.56 1.50 -5.51
C LYS A 23 10.84 2.82 -5.34
N LYS A 24 11.54 3.81 -4.79
CA LYS A 24 10.97 5.13 -4.58
C LYS A 24 10.11 5.55 -5.77
N VAL A 25 8.81 5.68 -5.55
CA VAL A 25 7.89 6.09 -6.61
C VAL A 25 7.56 7.57 -6.51
N GLY A 26 8.48 8.34 -5.94
CA GLY A 26 8.27 9.77 -5.80
C GLY A 26 6.82 10.12 -5.52
N VAL A 27 6.36 11.22 -6.11
CA VAL A 27 4.97 11.66 -5.92
C VAL A 27 4.12 11.30 -7.13
N MET A 28 4.50 10.25 -7.82
CA MET A 28 3.76 9.80 -9.01
C MET A 28 3.57 8.30 -9.00
N GLY A 29 3.45 7.73 -7.80
CA GLY A 29 3.25 6.29 -7.66
C GLY A 29 1.80 5.88 -7.82
N PHE A 30 1.54 4.58 -7.76
CA PHE A 30 0.19 4.06 -7.90
C PHE A 30 -0.33 3.52 -6.57
N LYS A 31 -1.14 4.32 -5.88
CA LYS A 31 -1.70 3.93 -4.60
C LYS A 31 -2.94 3.05 -4.79
N CYS A 32 -2.88 1.83 -4.27
CA CYS A 32 -4.01 0.90 -4.38
C CYS A 32 -5.09 1.23 -3.37
N LYS A 33 -6.32 0.85 -3.68
CA LYS A 33 -7.44 1.10 -2.79
C LYS A 33 -7.14 0.62 -1.37
N CYS A 34 -6.33 -0.43 -1.27
CA CYS A 34 -5.95 -0.97 0.03
C CYS A 34 -5.17 0.04 0.84
N GLY A 35 -4.34 0.83 0.16
CA GLY A 35 -3.54 1.83 0.84
C GLY A 35 -2.06 1.56 0.74
N SER A 36 -1.64 0.98 -0.39
CA SER A 36 -0.23 0.66 -0.61
C SER A 36 0.31 1.40 -1.83
N THR A 37 1.59 1.74 -1.78
CA THR A 37 2.23 2.44 -2.88
C THR A 37 3.03 1.48 -3.77
N PHE A 38 2.92 1.68 -5.08
CA PHE A 38 3.62 0.82 -6.04
C PHE A 38 4.22 1.66 -7.16
N CYS A 39 5.15 1.06 -7.91
CA CYS A 39 5.80 1.74 -9.01
C CYS A 39 5.08 1.46 -10.33
N GLY A 40 3.76 1.32 -10.25
CA GLY A 40 2.98 1.05 -11.45
C GLY A 40 3.04 -0.42 -11.86
N SER A 41 4.25 -0.96 -11.90
CA SER A 41 4.45 -2.35 -12.28
C SER A 41 3.89 -3.29 -11.22
N HIS A 42 3.82 -2.81 -9.99
CA HIS A 42 3.32 -3.61 -8.90
C HIS A 42 2.06 -2.97 -8.32
N ARG A 43 1.43 -2.14 -9.15
CA ARG A 43 0.20 -1.45 -8.75
C ARG A 43 -0.97 -2.41 -8.68
N TYR A 44 -0.82 -3.57 -9.30
CA TYR A 44 -1.87 -4.58 -9.31
C TYR A 44 -1.94 -5.31 -7.96
N PRO A 45 -3.16 -5.74 -7.59
CA PRO A 45 -3.40 -6.45 -6.33
C PRO A 45 -2.79 -7.85 -6.32
N GLU A 46 -2.80 -8.49 -7.48
CA GLU A 46 -2.24 -9.83 -7.61
C GLU A 46 -0.73 -9.82 -7.42
N LYS A 47 -0.13 -8.64 -7.56
CA LYS A 47 1.32 -8.50 -7.40
C LYS A 47 1.65 -7.92 -6.03
N HIS A 48 0.70 -8.02 -5.11
CA HIS A 48 0.91 -7.51 -3.75
C HIS A 48 -0.25 -7.94 -2.87
N GLU A 49 0.10 -8.57 -1.75
CA GLU A 49 -0.89 -9.04 -0.79
C GLU A 49 -1.94 -7.97 -0.53
N CYS A 50 -3.01 -7.98 -1.32
CA CYS A 50 -4.08 -7.01 -1.17
C CYS A 50 -5.24 -7.60 -0.39
N SER A 51 -5.39 -7.16 0.86
CA SER A 51 -6.45 -7.64 1.73
C SER A 51 -7.73 -6.83 1.52
N PHE A 52 -7.95 -6.38 0.28
CA PHE A 52 -9.13 -5.61 -0.05
C PHE A 52 -10.16 -6.45 -0.79
N ASP A 53 -11.44 -6.16 -0.55
CA ASP A 53 -12.52 -6.89 -1.20
C ASP A 53 -13.28 -6.01 -2.17
N PHE A 54 -12.76 -5.86 -3.38
CA PHE A 54 -13.39 -5.03 -4.40
C PHE A 54 -14.82 -5.48 -4.66
N LYS A 55 -15.02 -6.80 -4.72
CA LYS A 55 -16.33 -7.36 -4.96
C LYS A 55 -17.35 -6.83 -3.95
N GLU A 56 -18.25 -5.96 -4.42
CA GLU A 56 -19.27 -5.39 -3.57
C GLU A 56 -20.00 -6.47 -2.77
N VAL A 57 -20.17 -6.24 -1.47
CA VAL A 57 -20.84 -7.19 -0.60
C VAL A 57 -22.07 -6.56 0.04
N GLY A 58 -23.09 -7.39 0.28
CA GLY A 58 -24.31 -6.91 0.90
C GLY A 58 -25.52 -7.72 0.49
N SER A 59 -26.70 -7.11 0.62
CA SER A 59 -27.95 -7.79 0.27
C SER A 59 -28.39 -7.42 -1.14
N GLY A 60 -28.57 -8.44 -1.98
CA GLY A 60 -28.98 -8.20 -3.35
C GLY A 60 -28.27 -9.10 -4.34
N PRO A 61 -27.21 -8.57 -4.98
CA PRO A 61 -26.43 -9.32 -5.96
C PRO A 61 -25.61 -10.43 -5.32
N SER A 62 -25.47 -11.54 -6.03
CA SER A 62 -24.72 -12.69 -5.53
C SER A 62 -23.81 -13.25 -6.62
N SER A 63 -22.67 -13.79 -6.19
CA SER A 63 -21.70 -14.37 -7.12
C SER A 63 -21.69 -15.89 -7.02
N GLY A 64 -21.44 -16.55 -8.15
CA GLY A 64 -21.41 -18.00 -8.18
C GLY A 64 -20.60 -18.58 -7.03
ZN ZN B . 7.66 -1.93 -8.14
ZN ZN C . -3.91 -3.49 -2.87
N GLY A 1 20.99 -14.93 15.17
CA GLY A 1 20.34 -14.46 13.96
C GLY A 1 19.79 -13.05 14.10
N SER A 2 20.65 -12.06 13.91
CA SER A 2 20.24 -10.67 14.02
C SER A 2 20.84 -9.83 12.90
N SER A 3 20.27 -8.66 12.67
CA SER A 3 20.74 -7.76 11.61
C SER A 3 21.58 -6.63 12.19
N GLY A 4 21.01 -5.90 13.15
CA GLY A 4 21.72 -4.79 13.77
C GLY A 4 20.94 -3.50 13.71
N SER A 5 20.93 -2.75 14.82
CA SER A 5 20.22 -1.49 14.88
C SER A 5 20.99 -0.39 14.16
N SER A 6 20.54 -0.06 12.96
CA SER A 6 21.19 0.98 12.16
C SER A 6 20.25 1.52 11.09
N GLY A 7 20.02 2.82 11.12
CA GLY A 7 19.12 3.43 10.14
C GLY A 7 19.14 4.95 10.21
N PRO A 8 20.28 5.54 9.79
CA PRO A 8 20.46 7.00 9.80
C PRO A 8 19.59 7.70 8.76
N SER A 9 18.93 6.90 7.92
CA SER A 9 18.07 7.44 6.87
C SER A 9 16.71 7.82 7.43
N ARG A 10 16.11 8.86 6.85
CA ARG A 10 14.80 9.33 7.29
C ARG A 10 13.87 8.16 7.60
N PRO A 11 12.94 8.37 8.54
CA PRO A 11 11.98 7.34 8.95
C PRO A 11 10.96 7.03 7.85
N VAL A 12 9.87 6.38 8.24
CA VAL A 12 8.81 6.03 7.30
C VAL A 12 7.87 7.21 7.07
N ARG A 13 8.44 8.40 7.00
CA ARG A 13 7.65 9.61 6.78
C ARG A 13 7.08 9.65 5.37
N PRO A 14 7.98 9.64 4.37
CA PRO A 14 7.59 9.67 2.96
C PRO A 14 6.92 8.36 2.51
N ASN A 15 5.98 8.48 1.59
CA ASN A 15 5.27 7.31 1.08
C ASN A 15 5.63 7.05 -0.39
N ASN A 16 6.78 7.56 -0.80
CA ASN A 16 7.24 7.39 -2.18
C ASN A 16 8.11 6.13 -2.31
N ARG A 17 7.45 5.00 -2.51
CA ARG A 17 8.17 3.73 -2.66
C ARG A 17 7.20 2.62 -3.10
N CYS A 18 7.76 1.56 -3.69
CA CYS A 18 6.96 0.45 -4.15
C CYS A 18 6.86 -0.64 -3.08
N PHE A 19 5.64 -1.14 -2.87
CA PHE A 19 5.41 -2.18 -1.87
C PHE A 19 5.76 -3.55 -2.42
N SER A 20 6.61 -3.57 -3.44
CA SER A 20 7.03 -4.82 -4.07
C SER A 20 8.54 -4.85 -4.28
N CYS A 21 9.09 -3.71 -4.68
CA CYS A 21 10.52 -3.60 -4.91
C CYS A 21 11.13 -2.48 -4.07
N ASN A 22 10.27 -1.74 -3.37
CA ASN A 22 10.72 -0.63 -2.53
C ASN A 22 11.36 0.46 -3.38
N LYS A 23 10.99 0.53 -4.64
CA LYS A 23 11.52 1.54 -5.55
C LYS A 23 10.81 2.88 -5.37
N LYS A 24 11.51 3.84 -4.80
CA LYS A 24 10.96 5.17 -4.57
C LYS A 24 10.15 5.63 -5.77
N VAL A 25 8.82 5.69 -5.60
CA VAL A 25 7.93 6.11 -6.68
C VAL A 25 7.63 7.60 -6.57
N GLY A 26 8.45 8.32 -5.81
CA GLY A 26 8.25 9.75 -5.65
C GLY A 26 6.79 10.11 -5.51
N VAL A 27 6.39 11.19 -6.18
CA VAL A 27 5.00 11.65 -6.13
C VAL A 27 4.22 11.18 -7.36
N MET A 28 4.66 10.07 -7.94
CA MET A 28 4.00 9.51 -9.11
C MET A 28 3.78 8.02 -8.96
N GLY A 29 3.42 7.59 -7.76
CA GLY A 29 3.19 6.19 -7.50
C GLY A 29 1.72 5.80 -7.65
N PHE A 30 1.46 4.50 -7.68
CA PHE A 30 0.09 4.01 -7.83
C PHE A 30 -0.45 3.50 -6.49
N LYS A 31 -1.26 4.33 -5.84
CA LYS A 31 -1.85 3.96 -4.56
C LYS A 31 -3.06 3.06 -4.75
N CYS A 32 -2.99 1.87 -4.17
CA CYS A 32 -4.07 0.90 -4.27
C CYS A 32 -5.14 1.16 -3.21
N LYS A 33 -6.36 0.71 -3.47
CA LYS A 33 -7.47 0.89 -2.54
C LYS A 33 -7.10 0.39 -1.15
N CYS A 34 -6.23 -0.62 -1.10
CA CYS A 34 -5.79 -1.20 0.16
C CYS A 34 -5.03 -0.16 0.99
N GLY A 35 -4.24 0.67 0.32
CA GLY A 35 -3.47 1.69 1.01
C GLY A 35 -1.98 1.47 0.88
N SER A 36 -1.56 0.90 -0.24
CA SER A 36 -0.15 0.63 -0.49
C SER A 36 0.35 1.38 -1.72
N THR A 37 1.64 1.70 -1.74
CA THR A 37 2.22 2.42 -2.87
C THR A 37 3.01 1.47 -3.76
N PHE A 38 2.91 1.68 -5.06
CA PHE A 38 3.62 0.85 -6.03
C PHE A 38 4.20 1.70 -7.17
N CYS A 39 5.11 1.12 -7.93
CA CYS A 39 5.75 1.81 -9.04
C CYS A 39 5.08 1.45 -10.36
N GLY A 40 3.76 1.27 -10.33
CA GLY A 40 3.03 0.91 -11.53
C GLY A 40 3.15 -0.56 -11.87
N SER A 41 4.37 -1.06 -11.87
CA SER A 41 4.61 -2.47 -12.19
C SER A 41 4.04 -3.38 -11.11
N HIS A 42 3.87 -2.83 -9.91
CA HIS A 42 3.33 -3.60 -8.81
C HIS A 42 2.05 -2.92 -8.29
N ARG A 43 1.42 -2.15 -9.18
CA ARG A 43 0.20 -1.45 -8.84
C ARG A 43 -0.99 -2.41 -8.78
N TYR A 44 -0.83 -3.57 -9.38
CA TYR A 44 -1.89 -4.57 -9.39
C TYR A 44 -2.00 -5.26 -8.05
N PRO A 45 -3.22 -5.68 -7.69
CA PRO A 45 -3.49 -6.36 -6.41
C PRO A 45 -2.90 -7.77 -6.38
N GLU A 46 -2.82 -8.40 -7.55
CA GLU A 46 -2.28 -9.75 -7.65
C GLU A 46 -0.77 -9.75 -7.46
N LYS A 47 -0.16 -8.58 -7.64
CA LYS A 47 1.28 -8.44 -7.48
C LYS A 47 1.62 -7.85 -6.12
N HIS A 48 0.70 -7.95 -5.19
CA HIS A 48 0.92 -7.42 -3.85
C HIS A 48 -0.22 -7.85 -2.92
N GLU A 49 0.15 -8.31 -1.74
CA GLU A 49 -0.82 -8.77 -0.75
C GLU A 49 -1.93 -7.74 -0.56
N CYS A 50 -2.96 -7.83 -1.40
CA CYS A 50 -4.09 -6.91 -1.33
C CYS A 50 -5.25 -7.52 -0.55
N SER A 51 -5.47 -7.00 0.66
CA SER A 51 -6.55 -7.50 1.51
C SER A 51 -7.82 -6.68 1.32
N PHE A 52 -8.03 -6.21 0.10
CA PHE A 52 -9.20 -5.39 -0.22
C PHE A 52 -10.34 -6.27 -0.73
N ASP A 53 -11.57 -5.83 -0.48
CA ASP A 53 -12.75 -6.58 -0.92
C ASP A 53 -13.39 -5.93 -2.14
N PHE A 54 -12.69 -5.99 -3.27
CA PHE A 54 -13.19 -5.41 -4.51
C PHE A 54 -14.53 -6.03 -4.91
N LYS A 55 -14.64 -7.33 -4.74
CA LYS A 55 -15.86 -8.05 -5.09
C LYS A 55 -16.62 -8.47 -3.82
N GLU A 56 -17.79 -7.89 -3.63
CA GLU A 56 -18.62 -8.19 -2.47
C GLU A 56 -19.38 -9.50 -2.66
N VAL A 57 -18.76 -10.60 -2.25
CA VAL A 57 -19.37 -11.91 -2.37
C VAL A 57 -20.15 -12.29 -1.12
N GLY A 58 -21.45 -12.02 -1.12
CA GLY A 58 -22.28 -12.34 0.03
C GLY A 58 -22.91 -11.11 0.65
N SER A 59 -23.67 -10.37 -0.15
CA SER A 59 -24.32 -9.15 0.34
C SER A 59 -25.65 -9.48 1.01
N GLY A 60 -26.43 -10.35 0.37
CA GLY A 60 -27.72 -10.73 0.93
C GLY A 60 -27.58 -11.55 2.21
N PRO A 61 -28.73 -11.96 2.76
CA PRO A 61 -28.77 -12.75 4.00
C PRO A 61 -28.24 -14.17 3.80
N SER A 62 -27.01 -14.40 4.23
CA SER A 62 -26.40 -15.72 4.09
C SER A 62 -25.78 -16.18 5.40
N SER A 63 -26.22 -17.34 5.88
CA SER A 63 -25.71 -17.89 7.14
C SER A 63 -24.41 -18.63 6.92
N GLY A 64 -23.31 -17.88 6.92
CA GLY A 64 -21.99 -18.48 6.72
C GLY A 64 -21.55 -18.43 5.28
ZN ZN B . 7.70 -1.81 -8.21
ZN ZN C . -3.84 -3.50 -2.79
N GLY A 1 31.02 15.79 31.88
CA GLY A 1 29.93 15.71 30.92
C GLY A 1 30.18 14.70 29.83
N SER A 2 29.11 14.24 29.18
CA SER A 2 29.22 13.26 28.12
C SER A 2 27.95 13.22 27.28
N SER A 3 28.05 12.63 26.09
CA SER A 3 26.90 12.53 25.18
C SER A 3 27.10 11.41 24.18
N GLY A 4 26.06 10.61 23.98
CA GLY A 4 26.15 9.50 23.04
C GLY A 4 24.80 9.14 22.44
N SER A 5 24.71 9.19 21.12
CA SER A 5 23.47 8.87 20.43
C SER A 5 23.74 8.27 19.05
N SER A 6 23.06 7.19 18.73
CA SER A 6 23.23 6.52 17.45
C SER A 6 21.96 5.77 17.04
N GLY A 7 21.89 5.36 15.78
CA GLY A 7 20.74 4.65 15.29
C GLY A 7 19.79 5.53 14.51
N PRO A 8 20.18 5.87 13.27
CA PRO A 8 19.37 6.72 12.40
C PRO A 8 18.10 6.03 11.92
N SER A 9 17.01 6.24 12.66
CA SER A 9 15.73 5.62 12.31
C SER A 9 14.78 6.67 11.70
N ARG A 10 13.88 6.20 10.86
CA ARG A 10 12.91 7.08 10.22
C ARG A 10 11.50 6.52 10.32
N PRO A 11 10.54 7.37 10.70
CA PRO A 11 9.13 6.99 10.85
C PRO A 11 8.47 6.69 9.51
N VAL A 12 7.15 6.61 9.52
CA VAL A 12 6.39 6.32 8.30
C VAL A 12 6.14 7.60 7.50
N ARG A 13 7.11 8.51 7.53
CA ARG A 13 6.99 9.77 6.81
C ARG A 13 7.07 9.54 5.31
N PRO A 14 8.20 8.98 4.85
CA PRO A 14 8.43 8.70 3.43
C PRO A 14 7.53 7.58 2.91
N ASN A 15 6.75 7.87 1.88
CA ASN A 15 5.86 6.88 1.29
C ASN A 15 6.28 6.54 -0.14
N ASN A 16 6.93 7.50 -0.79
CA ASN A 16 7.39 7.31 -2.17
C ASN A 16 8.24 6.04 -2.28
N ARG A 17 7.58 4.90 -2.46
CA ARG A 17 8.28 3.63 -2.57
C ARG A 17 7.31 2.51 -2.98
N CYS A 18 7.79 1.57 -3.78
CA CYS A 18 6.97 0.45 -4.22
C CYS A 18 6.83 -0.59 -3.12
N PHE A 19 5.61 -1.10 -2.94
CA PHE A 19 5.35 -2.11 -1.92
C PHE A 19 5.69 -3.51 -2.44
N SER A 20 6.55 -3.57 -3.44
CA SER A 20 6.95 -4.83 -4.02
C SER A 20 8.47 -4.90 -4.20
N CYS A 21 9.06 -3.80 -4.65
CA CYS A 21 10.50 -3.73 -4.86
C CYS A 21 11.11 -2.60 -4.04
N ASN A 22 10.26 -1.83 -3.37
CA ASN A 22 10.72 -0.71 -2.55
C ASN A 22 11.38 0.36 -3.41
N LYS A 23 10.98 0.40 -4.68
CA LYS A 23 11.53 1.39 -5.62
C LYS A 23 10.83 2.73 -5.45
N LYS A 24 11.54 3.69 -4.85
CA LYS A 24 10.98 5.02 -4.64
C LYS A 24 10.11 5.45 -5.82
N VAL A 25 8.84 5.70 -5.54
CA VAL A 25 7.90 6.12 -6.58
C VAL A 25 7.56 7.60 -6.46
N GLY A 26 8.51 8.37 -5.92
CA GLY A 26 8.30 9.79 -5.75
C GLY A 26 6.85 10.14 -5.47
N VAL A 27 6.40 11.27 -5.99
CA VAL A 27 5.02 11.71 -5.79
C VAL A 27 4.16 11.38 -7.01
N MET A 28 4.53 10.34 -7.72
CA MET A 28 3.78 9.91 -8.90
C MET A 28 3.58 8.40 -8.91
N GLY A 29 3.48 7.82 -7.72
CA GLY A 29 3.28 6.38 -7.61
C GLY A 29 1.84 5.98 -7.81
N PHE A 30 1.59 4.67 -7.76
CA PHE A 30 0.23 4.16 -7.94
C PHE A 30 -0.31 3.60 -6.63
N LYS A 31 -1.17 4.37 -5.97
CA LYS A 31 -1.76 3.96 -4.71
C LYS A 31 -2.97 3.06 -4.95
N CYS A 32 -2.94 1.86 -4.37
CA CYS A 32 -4.03 0.91 -4.52
C CYS A 32 -5.15 1.20 -3.52
N LYS A 33 -6.33 0.66 -3.79
CA LYS A 33 -7.47 0.85 -2.91
C LYS A 33 -7.16 0.39 -1.48
N CYS A 34 -6.28 -0.59 -1.37
CA CYS A 34 -5.89 -1.11 -0.06
C CYS A 34 -5.14 -0.05 0.75
N GLY A 35 -4.33 0.75 0.06
CA GLY A 35 -3.58 1.79 0.74
C GLY A 35 -2.09 1.56 0.65
N SER A 36 -1.64 0.96 -0.44
CA SER A 36 -0.22 0.67 -0.63
C SER A 36 0.32 1.42 -1.85
N THR A 37 1.60 1.76 -1.79
CA THR A 37 2.25 2.47 -2.89
C THR A 37 3.03 1.52 -3.79
N PHE A 38 2.91 1.71 -5.09
CA PHE A 38 3.61 0.87 -6.06
C PHE A 38 4.21 1.71 -7.18
N CYS A 39 5.15 1.13 -7.91
CA CYS A 39 5.80 1.81 -9.02
C CYS A 39 5.12 1.50 -10.34
N GLY A 40 3.79 1.36 -10.30
CA GLY A 40 3.04 1.06 -11.50
C GLY A 40 3.14 -0.40 -11.89
N SER A 41 4.35 -0.93 -11.90
CA SER A 41 4.58 -2.33 -12.27
C SER A 41 4.01 -3.26 -11.20
N HIS A 42 3.90 -2.77 -9.99
CA HIS A 42 3.37 -3.56 -8.89
C HIS A 42 2.11 -2.90 -8.33
N ARG A 43 1.46 -2.11 -9.19
CA ARG A 43 0.25 -1.41 -8.81
C ARG A 43 -0.93 -2.37 -8.73
N TYR A 44 -0.79 -3.54 -9.34
CA TYR A 44 -1.84 -4.55 -9.35
C TYR A 44 -1.93 -5.24 -7.99
N PRO A 45 -3.15 -5.67 -7.63
CA PRO A 45 -3.40 -6.36 -6.37
C PRO A 45 -2.79 -7.76 -6.32
N GLU A 46 -2.80 -8.43 -7.47
CA GLU A 46 -2.26 -9.78 -7.57
C GLU A 46 -0.75 -9.76 -7.36
N LYS A 47 -0.14 -8.59 -7.54
CA LYS A 47 1.30 -8.44 -7.37
C LYS A 47 1.62 -7.85 -6.00
N HIS A 48 0.69 -7.98 -5.07
CA HIS A 48 0.90 -7.46 -3.73
C HIS A 48 -0.27 -7.87 -2.83
N GLU A 49 0.07 -8.51 -1.72
CA GLU A 49 -0.92 -8.97 -0.77
C GLU A 49 -2.00 -7.91 -0.55
N CYS A 50 -3.06 -7.98 -1.34
CA CYS A 50 -4.17 -7.03 -1.25
C CYS A 50 -5.34 -7.64 -0.50
N SER A 51 -5.56 -7.20 0.73
CA SER A 51 -6.66 -7.71 1.54
C SER A 51 -7.88 -6.80 1.44
N PHE A 52 -8.11 -6.27 0.24
CA PHE A 52 -9.24 -5.38 0.00
C PHE A 52 -10.41 -6.14 -0.62
N ASP A 53 -11.60 -5.93 -0.07
CA ASP A 53 -12.80 -6.60 -0.59
C ASP A 53 -13.29 -5.94 -1.87
N PHE A 54 -12.74 -6.36 -3.00
CA PHE A 54 -13.12 -5.80 -4.29
C PHE A 54 -14.56 -6.17 -4.63
N LYS A 55 -14.90 -7.45 -4.47
CA LYS A 55 -16.25 -7.93 -4.76
C LYS A 55 -17.27 -7.22 -3.88
N GLU A 56 -18.56 -7.46 -4.17
CA GLU A 56 -19.63 -6.85 -3.40
C GLU A 56 -20.79 -7.82 -3.23
N VAL A 57 -21.10 -8.16 -1.99
CA VAL A 57 -22.19 -9.08 -1.69
C VAL A 57 -22.93 -8.67 -0.43
N GLY A 58 -24.26 -8.67 -0.50
CA GLY A 58 -25.07 -8.28 0.64
C GLY A 58 -24.89 -9.22 1.81
N SER A 59 -24.10 -8.81 2.80
CA SER A 59 -23.84 -9.63 3.97
C SER A 59 -23.61 -8.75 5.21
N GLY A 60 -23.62 -9.38 6.38
CA GLY A 60 -23.41 -8.64 7.61
C GLY A 60 -21.98 -8.73 8.10
N PRO A 61 -21.81 -9.11 9.37
CA PRO A 61 -20.49 -9.24 9.99
C PRO A 61 -19.69 -10.41 9.42
N SER A 62 -18.52 -10.12 8.88
CA SER A 62 -17.66 -11.15 8.30
C SER A 62 -17.40 -12.27 9.30
N SER A 63 -17.05 -13.45 8.78
CA SER A 63 -16.79 -14.60 9.64
C SER A 63 -15.29 -14.75 9.90
N GLY A 64 -14.95 -15.34 11.04
CA GLY A 64 -13.55 -15.52 11.39
C GLY A 64 -12.88 -16.56 10.50
ZN ZN B . 7.71 -1.97 -8.15
ZN ZN C . -3.98 -3.56 -3.12
N GLY A 1 13.41 -4.27 30.13
CA GLY A 1 14.14 -3.14 30.67
C GLY A 1 14.64 -2.21 29.58
N SER A 2 13.74 -1.42 29.01
CA SER A 2 14.10 -0.49 27.94
C SER A 2 13.64 0.92 28.28
N SER A 3 14.58 1.87 28.31
CA SER A 3 14.27 3.25 28.62
C SER A 3 13.88 4.02 27.35
N GLY A 4 12.89 4.89 27.48
CA GLY A 4 12.45 5.68 26.35
C GLY A 4 11.61 4.87 25.38
N SER A 5 11.44 5.39 24.17
CA SER A 5 10.66 4.70 23.14
C SER A 5 11.55 4.27 21.98
N SER A 6 12.39 5.18 21.51
CA SER A 6 13.29 4.88 20.41
C SER A 6 12.51 4.47 19.17
N GLY A 7 11.39 5.15 18.92
CA GLY A 7 10.57 4.84 17.77
C GLY A 7 11.19 5.32 16.47
N PRO A 8 10.38 5.34 15.40
CA PRO A 8 10.83 5.76 14.07
C PRO A 8 11.12 7.26 14.02
N SER A 9 12.40 7.62 13.95
CA SER A 9 12.80 9.02 13.90
C SER A 9 11.78 9.84 13.10
N ARG A 10 11.49 9.39 11.89
CA ARG A 10 10.54 10.08 11.03
C ARG A 10 9.21 9.32 10.96
N PRO A 11 8.10 10.07 10.96
CA PRO A 11 6.76 9.49 10.90
C PRO A 11 6.45 8.88 9.53
N VAL A 12 5.17 8.64 9.28
CA VAL A 12 4.75 8.07 8.01
C VAL A 12 4.55 9.15 6.95
N ARG A 13 5.43 10.14 6.96
CA ARG A 13 5.35 11.24 6.00
C ARG A 13 5.70 10.77 4.60
N PRO A 14 6.93 10.25 4.44
CA PRO A 14 7.41 9.75 3.15
C PRO A 14 6.72 8.46 2.72
N ASN A 15 6.05 8.52 1.58
CA ASN A 15 5.35 7.35 1.06
C ASN A 15 5.68 7.11 -0.40
N ASN A 16 6.87 7.56 -0.82
CA ASN A 16 7.32 7.39 -2.19
C ASN A 16 8.18 6.14 -2.34
N ARG A 17 7.51 5.00 -2.53
CA ARG A 17 8.22 3.74 -2.69
C ARG A 17 7.26 2.63 -3.12
N CYS A 18 7.80 1.58 -3.73
CA CYS A 18 6.99 0.47 -4.20
C CYS A 18 6.88 -0.60 -3.11
N PHE A 19 5.66 -1.09 -2.91
CA PHE A 19 5.42 -2.11 -1.90
C PHE A 19 5.75 -3.50 -2.43
N SER A 20 6.60 -3.54 -3.46
CA SER A 20 7.01 -4.80 -4.06
C SER A 20 8.51 -4.84 -4.28
N CYS A 21 9.07 -3.71 -4.72
CA CYS A 21 10.51 -3.62 -4.97
C CYS A 21 11.13 -2.51 -4.13
N ASN A 22 10.29 -1.77 -3.42
CA ASN A 22 10.77 -0.68 -2.57
C ASN A 22 11.42 0.42 -3.40
N LYS A 23 11.03 0.50 -4.67
CA LYS A 23 11.57 1.50 -5.58
C LYS A 23 10.85 2.84 -5.41
N LYS A 24 11.56 3.83 -4.86
CA LYS A 24 10.98 5.16 -4.65
C LYS A 24 10.13 5.57 -5.84
N VAL A 25 8.83 5.70 -5.61
CA VAL A 25 7.89 6.09 -6.65
C VAL A 25 7.54 7.57 -6.54
N GLY A 26 8.41 8.34 -5.90
CA GLY A 26 8.17 9.76 -5.73
C GLY A 26 6.70 10.08 -5.51
N VAL A 27 6.25 11.21 -6.05
CA VAL A 27 4.87 11.62 -5.92
C VAL A 27 4.06 11.28 -7.17
N MET A 28 4.48 10.23 -7.86
CA MET A 28 3.80 9.79 -9.08
C MET A 28 3.59 8.29 -9.08
N GLY A 29 3.51 7.71 -7.88
CA GLY A 29 3.31 6.28 -7.77
C GLY A 29 1.85 5.88 -7.90
N PHE A 30 1.59 4.58 -7.86
CA PHE A 30 0.22 4.07 -7.98
C PHE A 30 -0.27 3.52 -6.64
N LYS A 31 -1.10 4.31 -5.96
CA LYS A 31 -1.64 3.90 -4.67
C LYS A 31 -2.87 3.01 -4.85
N CYS A 32 -2.86 1.84 -4.21
CA CYS A 32 -3.98 0.90 -4.30
C CYS A 32 -5.05 1.24 -3.27
N LYS A 33 -6.25 0.72 -3.50
CA LYS A 33 -7.37 0.96 -2.58
C LYS A 33 -7.02 0.47 -1.18
N CYS A 34 -6.17 -0.54 -1.10
CA CYS A 34 -5.76 -1.10 0.19
C CYS A 34 -4.99 -0.07 1.01
N GLY A 35 -4.19 0.75 0.34
CA GLY A 35 -3.42 1.76 1.02
C GLY A 35 -1.93 1.55 0.89
N SER A 36 -1.51 0.97 -0.24
CA SER A 36 -0.10 0.71 -0.48
C SER A 36 0.39 1.46 -1.73
N THR A 37 1.68 1.78 -1.75
CA THR A 37 2.27 2.49 -2.87
C THR A 37 3.07 1.55 -3.76
N PHE A 38 2.92 1.71 -5.07
CA PHE A 38 3.62 0.86 -6.03
C PHE A 38 4.22 1.70 -7.15
N CYS A 39 5.13 1.11 -7.93
CA CYS A 39 5.77 1.79 -9.03
C CYS A 39 5.04 1.52 -10.34
N GLY A 40 3.73 1.35 -10.26
CA GLY A 40 2.94 1.08 -11.45
C GLY A 40 3.03 -0.36 -11.89
N SER A 41 4.22 -0.93 -11.83
CA SER A 41 4.43 -2.31 -12.24
C SER A 41 3.92 -3.28 -11.17
N HIS A 42 3.81 -2.78 -9.95
CA HIS A 42 3.33 -3.60 -8.84
C HIS A 42 2.09 -2.97 -8.24
N ARG A 43 1.42 -2.15 -9.04
CA ARG A 43 0.22 -1.46 -8.61
C ARG A 43 -0.97 -2.42 -8.58
N TYR A 44 -0.79 -3.61 -9.15
CA TYR A 44 -1.84 -4.61 -9.19
C TYR A 44 -1.94 -5.34 -7.86
N PRO A 45 -3.17 -5.78 -7.52
CA PRO A 45 -3.44 -6.49 -6.28
C PRO A 45 -2.82 -7.90 -6.27
N GLU A 46 -2.80 -8.52 -7.44
CA GLU A 46 -2.25 -9.87 -7.57
C GLU A 46 -0.73 -9.85 -7.37
N LYS A 47 -0.14 -8.67 -7.50
CA LYS A 47 1.31 -8.52 -7.33
C LYS A 47 1.65 -7.97 -5.95
N HIS A 48 0.68 -8.04 -5.05
CA HIS A 48 0.89 -7.55 -3.69
C HIS A 48 -0.27 -7.98 -2.80
N GLU A 49 0.07 -8.59 -1.67
CA GLU A 49 -0.93 -9.06 -0.72
C GLU A 49 -1.99 -7.98 -0.48
N CYS A 50 -3.05 -8.01 -1.29
CA CYS A 50 -4.13 -7.05 -1.16
C CYS A 50 -5.30 -7.65 -0.39
N SER A 51 -5.54 -7.12 0.81
CA SER A 51 -6.63 -7.60 1.65
C SER A 51 -7.91 -6.80 1.39
N PHE A 52 -8.10 -6.39 0.14
CA PHE A 52 -9.27 -5.62 -0.22
C PHE A 52 -10.27 -6.48 -0.99
N ASP A 53 -11.56 -6.19 -0.83
CA ASP A 53 -12.60 -6.94 -1.50
C ASP A 53 -13.43 -6.03 -2.40
N PHE A 54 -12.90 -5.75 -3.59
CA PHE A 54 -13.58 -4.88 -4.55
C PHE A 54 -14.98 -5.40 -4.84
N LYS A 55 -15.11 -6.72 -4.93
CA LYS A 55 -16.41 -7.34 -5.20
C LYS A 55 -17.54 -6.55 -4.55
N GLU A 56 -17.31 -6.13 -3.30
CA GLU A 56 -18.32 -5.37 -2.56
C GLU A 56 -18.33 -3.91 -3.02
N VAL A 57 -18.98 -3.65 -4.15
CA VAL A 57 -19.07 -2.30 -4.69
C VAL A 57 -20.23 -1.54 -4.06
N GLY A 58 -20.01 -0.26 -3.79
CA GLY A 58 -21.04 0.57 -3.18
C GLY A 58 -20.49 1.84 -2.58
N SER A 59 -20.23 2.84 -3.42
CA SER A 59 -19.70 4.12 -2.95
C SER A 59 -20.56 5.27 -3.43
N GLY A 60 -20.94 5.24 -4.71
CA GLY A 60 -21.76 6.29 -5.26
C GLY A 60 -22.76 6.85 -4.25
N PRO A 61 -23.00 8.17 -4.33
CA PRO A 61 -23.93 8.85 -3.43
C PRO A 61 -25.38 8.46 -3.69
N SER A 62 -25.80 8.55 -4.95
CA SER A 62 -27.17 8.21 -5.33
C SER A 62 -27.18 7.00 -6.26
N SER A 63 -26.38 7.07 -7.32
CA SER A 63 -26.31 5.99 -8.30
C SER A 63 -27.66 5.76 -8.96
N GLY A 64 -28.35 6.85 -9.30
CA GLY A 64 -29.65 6.74 -9.93
C GLY A 64 -30.18 8.09 -10.39
ZN ZN B . 7.74 -1.79 -8.14
ZN ZN C . -3.90 -3.50 -2.78
N GLY A 1 29.49 9.14 14.35
CA GLY A 1 28.86 9.42 13.07
C GLY A 1 27.38 9.09 13.07
N SER A 2 26.96 8.21 12.17
CA SER A 2 25.57 7.83 12.06
C SER A 2 24.66 9.05 12.17
N SER A 3 25.06 10.13 11.49
CA SER A 3 24.28 11.36 11.51
C SER A 3 23.88 11.78 10.09
N GLY A 4 24.89 12.04 9.26
CA GLY A 4 24.63 12.45 7.90
C GLY A 4 23.80 13.70 7.80
N SER A 5 23.75 14.30 6.62
CA SER A 5 22.98 15.52 6.42
C SER A 5 22.77 15.78 4.93
N SER A 6 21.54 16.11 4.55
CA SER A 6 21.21 16.39 3.15
C SER A 6 19.99 17.30 3.06
N GLY A 7 19.81 17.89 1.88
CA GLY A 7 18.68 18.79 1.68
C GLY A 7 17.52 18.11 0.99
N PRO A 8 16.48 17.76 1.79
CA PRO A 8 15.29 17.09 1.27
C PRO A 8 14.44 18.01 0.39
N SER A 9 14.70 17.99 -0.90
CA SER A 9 13.97 18.82 -1.85
C SER A 9 12.47 18.51 -1.80
N ARG A 10 12.14 17.22 -1.85
CA ARG A 10 10.74 16.79 -1.82
C ARG A 10 10.11 17.13 -0.47
N PRO A 11 8.79 17.31 -0.46
CA PRO A 11 8.03 17.64 0.74
C PRO A 11 7.97 16.47 1.73
N VAL A 12 7.10 16.58 2.71
CA VAL A 12 6.94 15.53 3.72
C VAL A 12 6.15 14.35 3.17
N ARG A 13 6.54 13.88 1.99
CA ARG A 13 5.85 12.76 1.36
C ARG A 13 6.80 11.57 1.20
N PRO A 14 7.25 11.02 2.33
CA PRO A 14 8.16 9.86 2.35
C PRO A 14 7.49 8.58 1.88
N ASN A 15 6.24 8.70 1.44
CA ASN A 15 5.47 7.56 0.97
C ASN A 15 5.78 7.27 -0.50
N ASN A 16 6.97 7.65 -0.94
CA ASN A 16 7.39 7.45 -2.32
C ASN A 16 8.22 6.16 -2.45
N ARG A 17 7.54 5.03 -2.55
CA ARG A 17 8.22 3.74 -2.68
C ARG A 17 7.22 2.65 -3.07
N CYS A 18 7.72 1.60 -3.71
CA CYS A 18 6.89 0.49 -4.13
C CYS A 18 6.73 -0.54 -3.01
N PHE A 19 5.51 -1.00 -2.82
CA PHE A 19 5.22 -1.99 -1.78
C PHE A 19 5.53 -3.41 -2.27
N SER A 20 6.41 -3.50 -3.25
CA SER A 20 6.79 -4.79 -3.82
C SER A 20 8.31 -4.90 -3.99
N CYS A 21 8.91 -3.82 -4.48
CA CYS A 21 10.35 -3.78 -4.70
C CYS A 21 10.99 -2.63 -3.92
N ASN A 22 10.15 -1.84 -3.26
CA ASN A 22 10.63 -0.71 -2.47
C ASN A 22 11.29 0.33 -3.37
N LYS A 23 10.91 0.35 -4.65
CA LYS A 23 11.47 1.29 -5.60
C LYS A 23 10.81 2.66 -5.46
N LYS A 24 11.54 3.61 -4.91
CA LYS A 24 11.02 4.96 -4.71
C LYS A 24 10.17 5.39 -5.90
N VAL A 25 8.88 5.63 -5.64
CA VAL A 25 7.95 6.04 -6.69
C VAL A 25 7.66 7.54 -6.61
N GLY A 26 8.58 8.28 -6.01
CA GLY A 26 8.41 9.72 -5.88
C GLY A 26 6.96 10.11 -5.71
N VAL A 27 6.55 11.19 -6.37
CA VAL A 27 5.17 11.66 -6.29
C VAL A 27 4.38 11.26 -7.52
N MET A 28 4.77 10.14 -8.12
CA MET A 28 4.08 9.62 -9.30
C MET A 28 3.83 8.13 -9.19
N GLY A 29 3.58 7.66 -7.96
CA GLY A 29 3.33 6.26 -7.74
C GLY A 29 1.86 5.91 -7.82
N PHE A 30 1.56 4.62 -7.79
CA PHE A 30 0.17 4.16 -7.86
C PHE A 30 -0.33 3.69 -6.50
N LYS A 31 -1.23 4.47 -5.91
CA LYS A 31 -1.78 4.15 -4.61
C LYS A 31 -3.04 3.28 -4.75
N CYS A 32 -3.01 2.12 -4.11
CA CYS A 32 -4.14 1.19 -4.16
C CYS A 32 -5.19 1.55 -3.09
N LYS A 33 -6.40 1.05 -3.28
CA LYS A 33 -7.48 1.31 -2.35
C LYS A 33 -7.10 0.88 -0.93
N CYS A 34 -6.22 -0.12 -0.84
CA CYS A 34 -5.76 -0.62 0.45
C CYS A 34 -4.97 0.43 1.20
N GLY A 35 -4.23 1.26 0.45
CA GLY A 35 -3.43 2.31 1.07
C GLY A 35 -1.94 2.06 0.91
N SER A 36 -1.58 1.30 -0.11
CA SER A 36 -0.18 0.99 -0.38
C SER A 36 0.31 1.69 -1.64
N THR A 37 1.61 1.99 -1.68
CA THR A 37 2.20 2.66 -2.83
C THR A 37 2.99 1.69 -3.70
N PHE A 38 2.83 1.81 -5.01
CA PHE A 38 3.53 0.94 -5.95
C PHE A 38 4.14 1.74 -7.09
N CYS A 39 5.05 1.12 -7.82
CA CYS A 39 5.72 1.78 -8.94
C CYS A 39 5.03 1.44 -10.26
N GLY A 40 3.71 1.29 -10.21
CA GLY A 40 2.96 0.97 -11.41
C GLY A 40 3.03 -0.50 -11.76
N SER A 41 4.24 -1.05 -11.77
CA SER A 41 4.44 -2.45 -12.10
C SER A 41 3.85 -3.36 -11.02
N HIS A 42 3.75 -2.82 -9.81
CA HIS A 42 3.20 -3.58 -8.70
C HIS A 42 1.95 -2.89 -8.17
N ARG A 43 1.35 -2.07 -9.02
CA ARG A 43 0.14 -1.33 -8.67
C ARG A 43 -1.05 -2.28 -8.53
N TYR A 44 -0.94 -3.45 -9.13
CA TYR A 44 -2.00 -4.45 -9.09
C TYR A 44 -2.08 -5.11 -7.71
N PRO A 45 -3.28 -5.57 -7.34
CA PRO A 45 -3.52 -6.23 -6.05
C PRO A 45 -2.85 -7.60 -5.97
N GLU A 46 -3.00 -8.38 -7.03
CA GLU A 46 -2.41 -9.72 -7.08
C GLU A 46 -0.90 -9.65 -6.92
N LYS A 47 -0.32 -8.51 -7.25
CA LYS A 47 1.12 -8.31 -7.15
C LYS A 47 1.55 -8.18 -5.70
N HIS A 48 0.71 -7.54 -4.89
CA HIS A 48 1.01 -7.36 -3.49
C HIS A 48 -0.05 -8.07 -2.63
N GLU A 49 -0.54 -9.18 -3.17
CA GLU A 49 -1.56 -9.97 -2.49
C GLU A 49 -2.49 -9.08 -1.68
N CYS A 50 -2.98 -8.02 -2.31
CA CYS A 50 -3.89 -7.08 -1.66
C CYS A 50 -5.03 -7.82 -0.97
N SER A 51 -5.46 -7.31 0.17
CA SER A 51 -6.54 -7.91 0.94
C SER A 51 -7.89 -7.30 0.55
N PHE A 52 -7.88 -6.00 0.28
CA PHE A 52 -9.10 -5.30 -0.10
C PHE A 52 -9.98 -6.18 -0.99
N ASP A 53 -11.06 -6.70 -0.42
CA ASP A 53 -11.98 -7.55 -1.15
C ASP A 53 -12.73 -6.75 -2.22
N PHE A 54 -12.17 -6.72 -3.43
CA PHE A 54 -12.78 -5.98 -4.53
C PHE A 54 -14.11 -6.62 -4.94
N LYS A 55 -14.09 -7.94 -5.06
CA LYS A 55 -15.30 -8.68 -5.46
C LYS A 55 -16.16 -7.85 -6.41
N GLU A 56 -15.51 -7.08 -7.26
CA GLU A 56 -16.22 -6.24 -8.21
C GLU A 56 -17.32 -7.03 -8.92
N VAL A 57 -18.57 -6.69 -8.59
CA VAL A 57 -19.71 -7.37 -9.20
C VAL A 57 -20.73 -6.38 -9.74
N GLY A 58 -20.89 -6.36 -11.05
CA GLY A 58 -21.82 -5.44 -11.68
C GLY A 58 -22.28 -5.91 -13.05
N SER A 59 -21.31 -6.17 -13.93
CA SER A 59 -21.62 -6.63 -15.27
C SER A 59 -20.59 -7.64 -15.76
N GLY A 60 -20.98 -8.50 -16.68
CA GLY A 60 -20.08 -9.50 -17.21
C GLY A 60 -20.09 -10.79 -16.39
N PRO A 61 -19.24 -11.74 -16.76
CA PRO A 61 -19.12 -13.02 -16.07
C PRO A 61 -18.52 -12.88 -14.67
N SER A 62 -19.24 -13.37 -13.67
CA SER A 62 -18.77 -13.29 -12.29
C SER A 62 -17.56 -14.19 -12.07
N SER A 63 -16.38 -13.66 -12.32
CA SER A 63 -15.14 -14.41 -12.16
C SER A 63 -14.11 -13.61 -11.38
N GLY A 64 -13.34 -14.30 -10.55
CA GLY A 64 -12.33 -13.64 -9.75
C GLY A 64 -10.94 -14.17 -10.02
ZN ZN B . 7.60 -2.09 -7.97
ZN ZN C . -3.74 -2.98 -2.56
N GLY A 1 1.65 23.14 30.59
CA GLY A 1 2.43 23.08 29.36
C GLY A 1 2.97 24.45 28.96
N SER A 2 2.10 25.28 28.41
CA SER A 2 2.50 26.62 27.98
C SER A 2 3.68 26.54 27.02
N SER A 3 3.63 25.58 26.10
CA SER A 3 4.70 25.41 25.13
C SER A 3 4.20 25.67 23.70
N GLY A 4 4.49 26.86 23.20
CA GLY A 4 4.06 27.22 21.86
C GLY A 4 4.96 26.66 20.79
N SER A 5 4.50 25.62 20.11
CA SER A 5 5.27 24.97 19.06
C SER A 5 4.40 24.06 18.21
N SER A 6 4.81 23.83 16.97
CA SER A 6 4.06 22.99 16.05
C SER A 6 3.99 21.55 16.58
N GLY A 7 5.15 20.94 16.76
CA GLY A 7 5.20 19.57 17.25
C GLY A 7 4.81 18.56 16.20
N PRO A 8 5.80 18.02 15.50
CA PRO A 8 5.58 17.02 14.44
C PRO A 8 5.12 15.68 15.00
N SER A 9 4.06 15.14 14.41
CA SER A 9 3.51 13.85 14.85
C SER A 9 4.31 12.69 14.26
N ARG A 10 4.57 12.77 12.96
CA ARG A 10 5.33 11.72 12.28
C ARG A 10 6.68 12.25 11.80
N PRO A 11 7.68 11.36 11.76
CA PRO A 11 9.04 11.71 11.33
C PRO A 11 9.10 12.00 9.83
N VAL A 12 10.32 12.20 9.32
CA VAL A 12 10.52 12.48 7.91
C VAL A 12 10.45 11.20 7.08
N ARG A 13 9.35 10.46 7.24
CA ARG A 13 9.16 9.22 6.51
C ARG A 13 8.12 9.41 5.40
N PRO A 14 8.60 9.63 4.17
CA PRO A 14 7.73 9.82 3.01
C PRO A 14 7.01 8.55 2.59
N ASN A 15 6.22 8.63 1.53
CA ASN A 15 5.48 7.48 1.04
C ASN A 15 5.75 7.25 -0.44
N ASN A 16 6.93 7.66 -0.90
CA ASN A 16 7.32 7.50 -2.28
C ASN A 16 8.18 6.25 -2.47
N ARG A 17 7.52 5.10 -2.57
CA ARG A 17 8.22 3.83 -2.75
C ARG A 17 7.24 2.73 -3.14
N CYS A 18 7.77 1.65 -3.70
CA CYS A 18 6.95 0.52 -4.12
C CYS A 18 6.82 -0.51 -3.00
N PHE A 19 5.60 -0.97 -2.78
CA PHE A 19 5.34 -1.96 -1.74
C PHE A 19 5.66 -3.37 -2.22
N SER A 20 6.50 -3.45 -3.24
CA SER A 20 6.89 -4.74 -3.80
C SER A 20 8.40 -4.82 -4.02
N CYS A 21 8.97 -3.74 -4.56
CA CYS A 21 10.40 -3.67 -4.81
C CYS A 21 11.05 -2.58 -3.98
N ASN A 22 10.23 -1.79 -3.29
CA ASN A 22 10.73 -0.70 -2.46
C ASN A 22 11.40 0.36 -3.32
N LYS A 23 11.00 0.44 -4.58
CA LYS A 23 11.56 1.42 -5.52
C LYS A 23 10.86 2.77 -5.37
N LYS A 24 11.60 3.76 -4.88
CA LYS A 24 11.06 5.10 -4.70
C LYS A 24 10.19 5.50 -5.89
N VAL A 25 8.89 5.66 -5.65
CA VAL A 25 7.96 6.04 -6.69
C VAL A 25 7.64 7.53 -6.63
N GLY A 26 8.55 8.30 -6.02
CA GLY A 26 8.34 9.73 -5.90
C GLY A 26 6.89 10.10 -5.70
N VAL A 27 6.44 11.17 -6.35
CA VAL A 27 5.06 11.62 -6.23
C VAL A 27 4.26 11.21 -7.45
N MET A 28 4.67 10.11 -8.09
CA MET A 28 3.97 9.62 -9.27
C MET A 28 3.73 8.12 -9.17
N GLY A 29 3.55 7.63 -7.94
CA GLY A 29 3.31 6.22 -7.71
C GLY A 29 1.85 5.85 -7.82
N PHE A 30 1.56 4.56 -7.77
CA PHE A 30 0.18 4.09 -7.86
C PHE A 30 -0.32 3.58 -6.52
N LYS A 31 -1.14 4.40 -5.86
CA LYS A 31 -1.69 4.04 -4.56
C LYS A 31 -2.96 3.21 -4.72
N CYS A 32 -2.96 2.02 -4.13
CA CYS A 32 -4.12 1.13 -4.20
C CYS A 32 -5.14 1.49 -3.12
N LYS A 33 -6.39 1.12 -3.36
CA LYS A 33 -7.47 1.38 -2.41
C LYS A 33 -7.10 0.89 -1.02
N CYS A 34 -6.27 -0.14 -0.96
CA CYS A 34 -5.84 -0.70 0.31
C CYS A 34 -5.03 0.32 1.11
N GLY A 35 -4.27 1.15 0.41
CA GLY A 35 -3.46 2.15 1.07
C GLY A 35 -1.97 1.88 0.94
N SER A 36 -1.59 1.23 -0.15
CA SER A 36 -0.18 0.91 -0.39
C SER A 36 0.32 1.61 -1.66
N THR A 37 1.60 1.94 -1.66
CA THR A 37 2.21 2.61 -2.81
C THR A 37 2.99 1.62 -3.67
N PHE A 38 2.88 1.77 -4.99
CA PHE A 38 3.56 0.89 -5.92
C PHE A 38 4.19 1.70 -7.06
N CYS A 39 5.09 1.06 -7.80
CA CYS A 39 5.76 1.70 -8.92
C CYS A 39 5.05 1.40 -10.23
N GLY A 40 3.72 1.25 -10.16
CA GLY A 40 2.95 0.97 -11.36
C GLY A 40 3.00 -0.50 -11.73
N SER A 41 4.21 -1.05 -11.80
CA SER A 41 4.38 -2.45 -12.17
C SER A 41 3.81 -3.37 -11.08
N HIS A 42 3.76 -2.87 -9.86
CA HIS A 42 3.23 -3.66 -8.75
C HIS A 42 1.96 -2.99 -8.22
N ARG A 43 1.38 -2.14 -9.05
CA ARG A 43 0.16 -1.43 -8.68
C ARG A 43 -1.02 -2.38 -8.56
N TYR A 44 -0.89 -3.55 -9.18
CA TYR A 44 -1.96 -4.56 -9.14
C TYR A 44 -2.04 -5.21 -7.75
N PRO A 45 -3.24 -5.67 -7.40
CA PRO A 45 -3.48 -6.32 -6.11
C PRO A 45 -2.80 -7.68 -5.99
N GLU A 46 -2.92 -8.48 -7.05
CA GLU A 46 -2.31 -9.81 -7.07
C GLU A 46 -0.80 -9.71 -6.90
N LYS A 47 -0.24 -8.56 -7.24
CA LYS A 47 1.20 -8.34 -7.11
C LYS A 47 1.60 -8.17 -5.66
N HIS A 48 0.74 -7.54 -4.88
CA HIS A 48 1.02 -7.32 -3.47
C HIS A 48 -0.04 -8.03 -2.62
N GLU A 49 -0.50 -9.16 -3.13
CA GLU A 49 -1.51 -9.96 -2.43
C GLU A 49 -2.47 -9.06 -1.66
N CYS A 50 -2.94 -8.00 -2.32
CA CYS A 50 -3.88 -7.07 -1.70
C CYS A 50 -4.99 -7.80 -0.97
N SER A 51 -5.31 -7.34 0.23
CA SER A 51 -6.36 -7.97 1.03
C SER A 51 -7.73 -7.44 0.63
N PHE A 52 -7.78 -6.16 0.28
CA PHE A 52 -9.03 -5.53 -0.13
C PHE A 52 -9.87 -6.48 -0.98
N ASP A 53 -11.17 -6.52 -0.71
CA ASP A 53 -12.08 -7.38 -1.45
C ASP A 53 -13.12 -6.56 -2.20
N PHE A 54 -12.73 -6.05 -3.37
CA PHE A 54 -13.62 -5.25 -4.20
C PHE A 54 -14.86 -6.04 -4.59
N LYS A 55 -14.65 -7.30 -5.00
CA LYS A 55 -15.76 -8.17 -5.40
C LYS A 55 -16.50 -8.70 -4.18
N GLU A 56 -17.82 -8.53 -4.20
CA GLU A 56 -18.65 -8.98 -3.09
C GLU A 56 -18.46 -10.48 -2.85
N VAL A 57 -17.68 -10.81 -1.83
CA VAL A 57 -17.41 -12.20 -1.48
C VAL A 57 -18.06 -12.57 -0.15
N GLY A 58 -18.55 -13.80 -0.07
CA GLY A 58 -19.20 -14.26 1.15
C GLY A 58 -20.68 -14.46 0.98
N SER A 59 -21.46 -13.42 1.27
CA SER A 59 -22.91 -13.48 1.15
C SER A 59 -23.33 -13.70 -0.31
N GLY A 60 -24.22 -14.65 -0.51
CA GLY A 60 -24.70 -14.95 -1.85
C GLY A 60 -24.79 -16.44 -2.13
N PRO A 61 -25.76 -16.83 -2.95
CA PRO A 61 -25.98 -18.24 -3.31
C PRO A 61 -24.87 -18.78 -4.21
N SER A 62 -24.28 -19.90 -3.78
CA SER A 62 -23.20 -20.52 -4.54
C SER A 62 -23.74 -21.61 -5.47
N SER A 63 -23.17 -21.69 -6.67
CA SER A 63 -23.60 -22.68 -7.65
C SER A 63 -22.87 -23.99 -7.45
N GLY A 64 -23.32 -25.04 -8.15
CA GLY A 64 -22.70 -26.34 -8.03
C GLY A 64 -23.71 -27.47 -7.95
ZN ZN B . 7.66 -2.11 -7.99
ZN ZN C . -3.85 -3.08 -2.65
N GLY A 1 22.98 -9.04 26.45
CA GLY A 1 21.86 -8.40 27.12
C GLY A 1 22.06 -6.91 27.29
N SER A 2 21.98 -6.18 26.18
CA SER A 2 22.16 -4.73 26.20
C SER A 2 21.25 -4.05 25.19
N SER A 3 20.94 -2.78 25.43
CA SER A 3 20.07 -2.02 24.54
C SER A 3 20.62 -0.62 24.32
N GLY A 4 20.20 0.02 23.23
CA GLY A 4 20.65 1.36 22.92
C GLY A 4 21.06 1.51 21.47
N SER A 5 20.06 1.57 20.60
CA SER A 5 20.32 1.71 19.17
C SER A 5 20.09 3.16 18.71
N SER A 6 21.09 4.00 18.87
CA SER A 6 21.00 5.40 18.48
C SER A 6 21.04 5.55 16.96
N GLY A 7 20.45 6.62 16.47
CA GLY A 7 20.42 6.87 15.04
C GLY A 7 19.17 7.58 14.58
N PRO A 8 18.87 7.50 13.28
CA PRO A 8 17.70 8.14 12.69
C PRO A 8 16.39 7.47 13.12
N SER A 9 16.37 6.14 13.08
CA SER A 9 15.18 5.39 13.47
C SER A 9 13.91 6.10 13.03
N ARG A 10 13.93 6.65 11.82
CA ARG A 10 12.78 7.36 11.27
C ARG A 10 11.66 6.39 10.91
N PRO A 11 10.42 6.78 11.22
CA PRO A 11 9.24 5.96 10.93
C PRO A 11 8.94 5.87 9.43
N VAL A 12 7.73 5.45 9.10
CA VAL A 12 7.32 5.33 7.70
C VAL A 12 7.04 6.70 7.08
N ARG A 13 7.96 7.63 7.31
CA ARG A 13 7.81 8.99 6.78
C ARG A 13 7.75 8.96 5.25
N PRO A 14 8.84 8.50 4.63
CA PRO A 14 8.94 8.42 3.16
C PRO A 14 8.03 7.35 2.58
N ASN A 15 6.92 7.78 1.98
CA ASN A 15 5.97 6.85 1.38
C ASN A 15 6.32 6.57 -0.08
N ASN A 16 6.96 7.54 -0.72
CA ASN A 16 7.35 7.40 -2.12
C ASN A 16 8.19 6.15 -2.32
N ARG A 17 7.53 5.01 -2.48
CA ARG A 17 8.22 3.74 -2.68
C ARG A 17 7.24 2.65 -3.11
N CYS A 18 7.77 1.58 -3.68
CA CYS A 18 6.95 0.47 -4.14
C CYS A 18 6.82 -0.59 -3.06
N PHE A 19 5.59 -1.06 -2.84
CA PHE A 19 5.33 -2.08 -1.83
C PHE A 19 5.63 -3.47 -2.38
N SER A 20 6.49 -3.53 -3.39
CA SER A 20 6.86 -4.80 -4.02
C SER A 20 8.37 -4.88 -4.22
N CYS A 21 8.96 -3.78 -4.65
CA CYS A 21 10.39 -3.71 -4.89
C CYS A 21 11.05 -2.62 -4.05
N ASN A 22 10.22 -1.85 -3.35
CA ASN A 22 10.71 -0.77 -2.51
C ASN A 22 11.37 0.32 -3.36
N LYS A 23 10.97 0.40 -4.62
CA LYS A 23 11.52 1.39 -5.53
C LYS A 23 10.85 2.75 -5.33
N LYS A 24 11.60 3.71 -4.82
CA LYS A 24 11.07 5.06 -4.58
C LYS A 24 10.25 5.53 -5.77
N VAL A 25 8.94 5.65 -5.56
CA VAL A 25 8.03 6.10 -6.61
C VAL A 25 7.76 7.59 -6.49
N GLY A 26 8.64 8.30 -5.79
CA GLY A 26 8.48 9.74 -5.62
C GLY A 26 7.02 10.15 -5.50
N VAL A 27 6.64 11.18 -6.23
CA VAL A 27 5.27 11.67 -6.20
C VAL A 27 4.47 11.16 -7.39
N MET A 28 4.95 10.08 -7.99
CA MET A 28 4.28 9.49 -9.14
C MET A 28 4.00 8.00 -8.91
N GLY A 29 3.61 7.66 -7.69
CA GLY A 29 3.33 6.27 -7.36
C GLY A 29 1.87 5.92 -7.57
N PHE A 30 1.59 4.62 -7.66
CA PHE A 30 0.22 4.16 -7.84
C PHE A 30 -0.35 3.59 -6.55
N LYS A 31 -1.12 4.40 -5.83
CA LYS A 31 -1.72 3.98 -4.58
C LYS A 31 -2.95 3.11 -4.83
N CYS A 32 -2.93 1.90 -4.31
CA CYS A 32 -4.05 0.97 -4.48
C CYS A 32 -5.14 1.24 -3.45
N LYS A 33 -6.36 0.83 -3.76
CA LYS A 33 -7.48 1.03 -2.86
C LYS A 33 -7.17 0.52 -1.46
N CYS A 34 -6.28 -0.47 -1.37
CA CYS A 34 -5.88 -1.03 -0.09
C CYS A 34 -5.13 0.00 0.75
N GLY A 35 -4.38 0.87 0.08
CA GLY A 35 -3.62 1.90 0.78
C GLY A 35 -2.13 1.68 0.68
N SER A 36 -1.70 1.00 -0.37
CA SER A 36 -0.28 0.72 -0.57
C SER A 36 0.25 1.45 -1.80
N THR A 37 1.54 1.82 -1.75
CA THR A 37 2.16 2.53 -2.85
C THR A 37 2.97 1.58 -3.74
N PHE A 38 2.87 1.77 -5.05
CA PHE A 38 3.59 0.93 -5.99
C PHE A 38 4.19 1.77 -7.13
N CYS A 39 5.09 1.17 -7.90
CA CYS A 39 5.74 1.86 -9.00
C CYS A 39 5.07 1.51 -10.33
N GLY A 40 3.75 1.36 -10.29
CA GLY A 40 3.01 1.03 -11.50
C GLY A 40 3.12 -0.44 -11.86
N SER A 41 4.34 -0.95 -11.91
CA SER A 41 4.58 -2.35 -12.24
C SER A 41 3.99 -3.27 -11.17
N HIS A 42 3.84 -2.74 -9.97
CA HIS A 42 3.29 -3.52 -8.88
C HIS A 42 2.04 -2.84 -8.33
N ARG A 43 1.40 -2.05 -9.19
CA ARG A 43 0.20 -1.32 -8.82
C ARG A 43 -1.01 -2.26 -8.76
N TYR A 44 -0.89 -3.41 -9.41
CA TYR A 44 -1.96 -4.39 -9.43
C TYR A 44 -2.10 -5.08 -8.08
N PRO A 45 -3.34 -5.47 -7.74
CA PRO A 45 -3.63 -6.15 -6.47
C PRO A 45 -3.06 -7.56 -6.42
N GLU A 46 -3.02 -8.21 -7.57
CA GLU A 46 -2.50 -9.57 -7.66
C GLU A 46 -0.99 -9.60 -7.45
N LYS A 47 -0.35 -8.45 -7.65
CA LYS A 47 1.10 -8.34 -7.49
C LYS A 47 1.43 -7.76 -6.12
N HIS A 48 0.50 -7.85 -5.19
CA HIS A 48 0.71 -7.35 -3.85
C HIS A 48 -0.46 -7.75 -2.95
N GLU A 49 -0.11 -8.35 -1.82
CA GLU A 49 -1.12 -8.80 -0.86
C GLU A 49 -2.19 -7.74 -0.66
N CYS A 50 -3.25 -7.81 -1.46
CA CYS A 50 -4.35 -6.86 -1.38
C CYS A 50 -5.53 -7.46 -0.63
N SER A 51 -5.65 -7.11 0.65
CA SER A 51 -6.74 -7.61 1.49
C SER A 51 -8.08 -7.05 1.03
N PHE A 52 -8.07 -5.79 0.58
CA PHE A 52 -9.28 -5.14 0.12
C PHE A 52 -10.20 -6.14 -0.59
N ASP A 53 -11.28 -6.51 0.10
CA ASP A 53 -12.24 -7.46 -0.46
C ASP A 53 -12.86 -6.91 -1.74
N PHE A 54 -12.16 -7.12 -2.86
CA PHE A 54 -12.64 -6.65 -4.15
C PHE A 54 -13.95 -7.32 -4.53
N LYS A 55 -14.04 -8.62 -4.30
CA LYS A 55 -15.24 -9.39 -4.61
C LYS A 55 -16.07 -9.61 -3.36
N GLU A 56 -17.28 -10.15 -3.54
CA GLU A 56 -18.17 -10.42 -2.42
C GLU A 56 -18.61 -9.12 -1.74
N VAL A 57 -18.93 -8.12 -2.56
CA VAL A 57 -19.37 -6.83 -2.04
C VAL A 57 -20.55 -6.28 -2.84
N GLY A 58 -21.66 -6.04 -2.16
CA GLY A 58 -22.85 -5.52 -2.81
C GLY A 58 -24.12 -5.93 -2.11
N SER A 59 -24.72 -7.04 -2.54
CA SER A 59 -25.96 -7.53 -1.95
C SER A 59 -25.67 -8.61 -0.92
N GLY A 60 -26.13 -8.40 0.30
CA GLY A 60 -25.92 -9.37 1.37
C GLY A 60 -26.71 -10.64 1.16
N PRO A 61 -26.47 -11.64 2.02
CA PRO A 61 -27.16 -12.93 1.94
C PRO A 61 -28.63 -12.83 2.33
N SER A 62 -29.47 -13.58 1.64
CA SER A 62 -30.91 -13.57 1.91
C SER A 62 -31.24 -14.45 3.11
N SER A 63 -30.45 -14.31 4.17
CA SER A 63 -30.66 -15.09 5.38
C SER A 63 -29.97 -14.43 6.59
N GLY A 64 -30.50 -14.69 7.77
CA GLY A 64 -29.93 -14.11 8.97
C GLY A 64 -28.85 -14.99 9.58
ZN ZN B . 7.60 -1.87 -8.22
ZN ZN C . -4.05 -3.41 -3.01
N GLY A 1 26.36 13.27 34.61
CA GLY A 1 26.88 12.91 33.30
C GLY A 1 25.87 13.14 32.20
N SER A 2 26.27 12.87 30.97
CA SER A 2 25.39 13.06 29.81
C SER A 2 24.45 11.86 29.65
N SER A 3 23.48 12.01 28.77
CA SER A 3 22.51 10.95 28.52
C SER A 3 21.73 11.21 27.23
N GLY A 4 21.41 10.14 26.51
CA GLY A 4 20.66 10.28 25.28
C GLY A 4 19.16 10.19 25.48
N SER A 5 18.40 10.46 24.43
CA SER A 5 16.95 10.41 24.50
C SER A 5 16.34 10.18 23.11
N SER A 6 15.52 9.15 23.01
CA SER A 6 14.87 8.81 21.74
C SER A 6 13.57 8.04 21.98
N GLY A 7 12.47 8.61 21.52
CA GLY A 7 11.18 7.96 21.69
C GLY A 7 10.87 6.97 20.57
N PRO A 8 10.22 5.86 20.93
CA PRO A 8 9.86 4.81 19.98
C PRO A 8 8.77 5.25 19.01
N SER A 9 9.17 5.64 17.81
CA SER A 9 8.22 6.09 16.80
C SER A 9 8.92 6.36 15.48
N ARG A 10 8.20 6.18 14.37
CA ARG A 10 8.75 6.39 13.05
C ARG A 10 8.84 7.89 12.73
N PRO A 11 9.90 8.29 12.02
CA PRO A 11 10.12 9.67 11.64
C PRO A 11 9.13 10.15 10.58
N VAL A 12 9.43 11.29 9.96
CA VAL A 12 8.56 11.84 8.92
C VAL A 12 8.78 11.15 7.58
N ARG A 13 8.90 9.83 7.62
CA ARG A 13 9.11 9.04 6.41
C ARG A 13 7.96 9.23 5.44
N PRO A 14 8.30 9.58 4.18
CA PRO A 14 7.30 9.79 3.13
C PRO A 14 6.63 8.50 2.69
N ASN A 15 5.92 8.56 1.57
CA ASN A 15 5.22 7.39 1.05
C ASN A 15 5.59 7.14 -0.42
N ASN A 16 6.82 7.50 -0.78
CA ASN A 16 7.30 7.33 -2.14
C ASN A 16 8.15 6.06 -2.25
N ARG A 17 7.48 4.92 -2.44
CA ARG A 17 8.18 3.65 -2.56
C ARG A 17 7.21 2.53 -2.94
N CYS A 18 7.72 1.52 -3.62
CA CYS A 18 6.89 0.39 -4.04
C CYS A 18 6.86 -0.69 -2.97
N PHE A 19 5.66 -1.16 -2.64
CA PHE A 19 5.49 -2.19 -1.62
C PHE A 19 5.79 -3.58 -2.21
N SER A 20 6.53 -3.60 -3.31
CA SER A 20 6.87 -4.85 -3.98
C SER A 20 8.35 -4.88 -4.33
N CYS A 21 8.90 -3.71 -4.66
CA CYS A 21 10.31 -3.60 -5.02
C CYS A 21 11.00 -2.50 -4.22
N ASN A 22 10.21 -1.79 -3.42
CA ASN A 22 10.73 -0.70 -2.59
C ASN A 22 11.35 0.38 -3.47
N LYS A 23 10.91 0.47 -4.71
CA LYS A 23 11.41 1.47 -5.64
C LYS A 23 10.72 2.81 -5.43
N LYS A 24 11.45 3.76 -4.85
CA LYS A 24 10.91 5.09 -4.61
C LYS A 24 10.07 5.57 -5.78
N VAL A 25 8.76 5.65 -5.57
CA VAL A 25 7.84 6.09 -6.61
C VAL A 25 7.54 7.59 -6.49
N GLY A 26 8.44 8.31 -5.82
CA GLY A 26 8.26 9.74 -5.64
C GLY A 26 6.81 10.12 -5.44
N VAL A 27 6.38 11.20 -6.10
CA VAL A 27 5.01 11.67 -5.99
C VAL A 27 4.20 11.26 -7.21
N MET A 28 4.60 10.17 -7.85
CA MET A 28 3.91 9.67 -9.03
C MET A 28 3.71 8.16 -8.94
N GLY A 29 3.39 7.67 -7.75
CA GLY A 29 3.18 6.25 -7.56
C GLY A 29 1.73 5.85 -7.73
N PHE A 30 1.47 4.54 -7.74
CA PHE A 30 0.12 4.03 -7.91
C PHE A 30 -0.42 3.50 -6.58
N LYS A 31 -1.23 4.32 -5.91
CA LYS A 31 -1.82 3.93 -4.64
C LYS A 31 -3.02 3.00 -4.85
N CYS A 32 -2.93 1.79 -4.29
CA CYS A 32 -4.00 0.81 -4.41
C CYS A 32 -5.11 1.10 -3.41
N LYS A 33 -6.30 0.58 -3.68
CA LYS A 33 -7.45 0.77 -2.80
C LYS A 33 -7.11 0.34 -1.38
N CYS A 34 -6.24 -0.66 -1.26
CA CYS A 34 -5.83 -1.16 0.06
C CYS A 34 -5.11 -0.07 0.85
N GLY A 35 -4.33 0.74 0.16
CA GLY A 35 -3.60 1.81 0.82
C GLY A 35 -2.09 1.63 0.72
N SER A 36 -1.65 0.95 -0.32
CA SER A 36 -0.22 0.71 -0.53
C SER A 36 0.29 1.48 -1.74
N THR A 37 1.60 1.72 -1.77
CA THR A 37 2.21 2.46 -2.86
C THR A 37 3.03 1.53 -3.75
N PHE A 38 2.86 1.68 -5.06
CA PHE A 38 3.58 0.85 -6.02
C PHE A 38 4.14 1.69 -7.16
N CYS A 39 5.08 1.12 -7.91
CA CYS A 39 5.69 1.83 -9.03
C CYS A 39 4.98 1.50 -10.34
N GLY A 40 3.66 1.36 -10.27
CA GLY A 40 2.88 1.03 -11.45
C GLY A 40 3.01 -0.41 -11.86
N SER A 41 4.24 -0.90 -11.94
CA SER A 41 4.50 -2.28 -12.33
C SER A 41 3.96 -3.25 -11.28
N HIS A 42 3.89 -2.78 -10.04
CA HIS A 42 3.39 -3.61 -8.96
C HIS A 42 2.14 -2.97 -8.36
N ARG A 43 1.47 -2.17 -9.18
CA ARG A 43 0.26 -1.48 -8.75
C ARG A 43 -0.91 -2.46 -8.67
N TYR A 44 -0.79 -3.59 -9.36
CA TYR A 44 -1.84 -4.60 -9.37
C TYR A 44 -1.94 -5.30 -8.02
N PRO A 45 -3.17 -5.69 -7.65
CA PRO A 45 -3.42 -6.38 -6.38
C PRO A 45 -2.85 -7.79 -6.35
N GLU A 46 -2.73 -8.40 -7.52
CA GLU A 46 -2.19 -9.75 -7.63
C GLU A 46 -0.68 -9.75 -7.42
N LYS A 47 -0.06 -8.59 -7.63
CA LYS A 47 1.39 -8.46 -7.47
C LYS A 47 1.73 -7.92 -6.09
N HIS A 48 0.80 -8.06 -5.16
CA HIS A 48 1.02 -7.58 -3.80
C HIS A 48 -0.14 -8.03 -2.91
N GLU A 49 0.22 -8.53 -1.73
CA GLU A 49 -0.77 -9.00 -0.77
C GLU A 49 -1.86 -7.96 -0.56
N CYS A 50 -2.89 -8.01 -1.40
CA CYS A 50 -3.99 -7.06 -1.30
C CYS A 50 -5.20 -7.70 -0.62
N SER A 51 -5.54 -7.21 0.56
CA SER A 51 -6.67 -7.74 1.32
C SER A 51 -7.82 -6.73 1.34
N PHE A 52 -8.07 -6.11 0.20
CA PHE A 52 -9.15 -5.13 0.08
C PHE A 52 -10.38 -5.76 -0.55
N ASP A 53 -11.56 -5.30 -0.13
CA ASP A 53 -12.81 -5.82 -0.66
C ASP A 53 -13.04 -5.34 -2.09
N PHE A 54 -12.54 -6.11 -3.05
CA PHE A 54 -12.68 -5.76 -4.46
C PHE A 54 -14.04 -6.20 -4.99
N LYS A 55 -14.36 -7.48 -4.80
CA LYS A 55 -15.64 -8.02 -5.26
C LYS A 55 -16.80 -7.16 -4.78
N GLU A 56 -17.94 -7.28 -5.46
CA GLU A 56 -19.13 -6.52 -5.09
C GLU A 56 -20.36 -7.42 -5.04
N VAL A 57 -20.75 -7.79 -3.83
CA VAL A 57 -21.91 -8.65 -3.64
C VAL A 57 -23.20 -7.93 -4.04
N GLY A 58 -23.76 -8.33 -5.17
CA GLY A 58 -24.99 -7.72 -5.65
C GLY A 58 -26.13 -8.72 -5.74
N SER A 59 -26.22 -9.60 -4.75
CA SER A 59 -27.28 -10.61 -4.71
C SER A 59 -28.39 -10.21 -3.74
N GLY A 60 -29.57 -9.95 -4.27
CA GLY A 60 -30.69 -9.56 -3.43
C GLY A 60 -31.95 -10.35 -3.74
N PRO A 61 -32.96 -10.19 -2.89
CA PRO A 61 -34.24 -10.89 -3.05
C PRO A 61 -35.04 -10.38 -4.25
N SER A 62 -34.76 -10.95 -5.42
CA SER A 62 -35.44 -10.54 -6.65
C SER A 62 -35.69 -11.74 -7.55
N SER A 63 -36.91 -11.86 -8.05
CA SER A 63 -37.27 -12.97 -8.93
C SER A 63 -38.23 -12.51 -10.02
N GLY A 64 -37.84 -12.73 -11.27
CA GLY A 64 -38.67 -12.33 -12.40
C GLY A 64 -39.88 -13.24 -12.58
ZN ZN B . 7.35 -1.67 -8.19
ZN ZN C . -3.52 -3.24 -2.91
N GLY A 1 11.96 13.92 34.61
CA GLY A 1 12.22 13.43 33.27
C GLY A 1 11.01 12.74 32.67
N SER A 2 10.20 13.49 31.94
CA SER A 2 9.01 12.94 31.30
C SER A 2 9.10 13.03 29.78
N SER A 3 9.30 11.89 29.14
CA SER A 3 9.42 11.84 27.69
C SER A 3 8.06 12.08 27.04
N GLY A 4 7.08 11.24 27.38
CA GLY A 4 5.75 11.38 26.81
C GLY A 4 5.61 10.66 25.48
N SER A 5 4.43 10.10 25.23
CA SER A 5 4.17 9.37 24.00
C SER A 5 2.70 9.53 23.58
N SER A 6 2.49 10.22 22.47
CA SER A 6 1.14 10.44 21.95
C SER A 6 1.17 10.73 20.46
N GLY A 7 0.51 9.88 19.68
CA GLY A 7 0.48 10.06 18.24
C GLY A 7 0.25 8.76 17.50
N PRO A 8 -1.01 8.32 17.43
CA PRO A 8 -1.39 7.08 16.75
C PRO A 8 -1.25 7.18 15.23
N SER A 9 -0.81 8.35 14.76
CA SER A 9 -0.63 8.59 13.33
C SER A 9 0.85 8.56 12.96
N ARG A 10 1.14 8.06 11.76
CA ARG A 10 2.51 7.97 11.28
C ARG A 10 3.10 9.36 11.08
N PRO A 11 4.43 9.46 11.21
CA PRO A 11 5.15 10.73 11.05
C PRO A 11 5.15 11.21 9.60
N VAL A 12 5.98 12.21 9.31
CA VAL A 12 6.08 12.76 7.97
C VAL A 12 7.04 11.94 7.11
N ARG A 13 6.81 10.63 7.08
CA ARG A 13 7.64 9.73 6.29
C ARG A 13 7.22 9.73 4.83
N PRO A 14 8.21 9.71 3.92
CA PRO A 14 7.97 9.71 2.48
C PRO A 14 7.36 8.40 1.99
N ASN A 15 6.11 8.45 1.55
CA ASN A 15 5.42 7.26 1.06
C ASN A 15 5.70 7.05 -0.43
N ASN A 16 6.82 7.60 -0.90
CA ASN A 16 7.20 7.46 -2.30
C ASN A 16 8.09 6.24 -2.50
N ARG A 17 7.47 5.08 -2.60
CA ARG A 17 8.20 3.83 -2.79
C ARG A 17 7.27 2.70 -3.18
N CYS A 18 7.82 1.66 -3.82
CA CYS A 18 7.03 0.52 -4.25
C CYS A 18 6.93 -0.52 -3.13
N PHE A 19 5.73 -1.02 -2.91
CA PHE A 19 5.50 -2.02 -1.87
C PHE A 19 5.83 -3.42 -2.38
N SER A 20 6.66 -3.48 -3.41
CA SER A 20 7.06 -4.76 -4.00
C SER A 20 8.56 -4.80 -4.24
N CYS A 21 9.11 -3.68 -4.70
CA CYS A 21 10.54 -3.58 -4.98
C CYS A 21 11.18 -2.47 -4.16
N ASN A 22 10.35 -1.73 -3.43
CA ASN A 22 10.83 -0.63 -2.60
C ASN A 22 11.48 0.46 -3.46
N LYS A 23 11.06 0.54 -4.72
CA LYS A 23 11.58 1.54 -5.63
C LYS A 23 10.85 2.87 -5.48
N LYS A 24 11.56 3.86 -4.96
CA LYS A 24 10.99 5.19 -4.75
C LYS A 24 10.09 5.58 -5.92
N VAL A 25 8.79 5.73 -5.63
CA VAL A 25 7.82 6.11 -6.66
C VAL A 25 7.44 7.58 -6.54
N GLY A 26 8.34 8.37 -5.95
CA GLY A 26 8.07 9.79 -5.80
C GLY A 26 6.61 10.08 -5.54
N VAL A 27 6.13 11.20 -6.08
CA VAL A 27 4.73 11.59 -5.91
C VAL A 27 3.90 11.24 -7.14
N MET A 28 4.32 10.20 -7.85
CA MET A 28 3.62 9.75 -9.05
C MET A 28 3.44 8.24 -9.03
N GLY A 29 3.38 7.65 -7.84
CA GLY A 29 3.21 6.22 -7.72
C GLY A 29 1.75 5.80 -7.82
N PHE A 30 1.51 4.49 -7.74
CA PHE A 30 0.16 3.96 -7.83
C PHE A 30 -0.30 3.40 -6.49
N LYS A 31 -1.14 4.16 -5.79
CA LYS A 31 -1.66 3.74 -4.49
C LYS A 31 -2.92 2.90 -4.65
N CYS A 32 -2.89 1.67 -4.15
CA CYS A 32 -4.02 0.77 -4.23
C CYS A 32 -5.08 1.13 -3.19
N LYS A 33 -6.30 0.64 -3.39
CA LYS A 33 -7.39 0.89 -2.46
C LYS A 33 -7.05 0.38 -1.07
N CYS A 34 -6.18 -0.62 -1.01
CA CYS A 34 -5.78 -1.20 0.28
C CYS A 34 -4.98 -0.19 1.10
N GLY A 35 -4.19 0.63 0.42
CA GLY A 35 -3.39 1.62 1.12
C GLY A 35 -1.90 1.38 0.97
N SER A 36 -1.50 0.85 -0.18
CA SER A 36 -0.09 0.57 -0.44
C SER A 36 0.37 1.29 -1.70
N THR A 37 1.65 1.70 -1.68
CA THR A 37 2.22 2.41 -2.82
C THR A 37 3.03 1.47 -3.71
N PHE A 38 2.91 1.65 -5.02
CA PHE A 38 3.62 0.81 -5.98
C PHE A 38 4.20 1.65 -7.10
N CYS A 39 5.09 1.05 -7.89
CA CYS A 39 5.72 1.74 -9.01
C CYS A 39 4.98 1.44 -10.31
N GLY A 40 3.68 1.25 -10.22
CA GLY A 40 2.87 0.97 -11.40
C GLY A 40 2.99 -0.48 -11.84
N SER A 41 4.20 -1.01 -11.81
CA SER A 41 4.43 -2.40 -12.21
C SER A 41 3.94 -3.36 -11.14
N HIS A 42 3.81 -2.86 -9.91
CA HIS A 42 3.34 -3.70 -8.82
C HIS A 42 2.09 -3.07 -8.20
N ARG A 43 1.41 -2.26 -9.00
CA ARG A 43 0.20 -1.59 -8.55
C ARG A 43 -0.98 -2.55 -8.52
N TYR A 44 -0.81 -3.71 -9.15
CA TYR A 44 -1.86 -4.72 -9.20
C TYR A 44 -1.98 -5.45 -7.86
N PRO A 45 -3.19 -5.91 -7.55
CA PRO A 45 -3.46 -6.63 -6.30
C PRO A 45 -2.83 -8.01 -6.28
N GLU A 46 -2.78 -8.66 -7.44
CA GLU A 46 -2.19 -9.99 -7.55
C GLU A 46 -0.68 -9.93 -7.35
N LYS A 47 -0.11 -8.74 -7.50
CA LYS A 47 1.32 -8.55 -7.33
C LYS A 47 1.64 -7.94 -5.97
N HIS A 48 0.70 -8.04 -5.05
CA HIS A 48 0.89 -7.49 -3.72
C HIS A 48 -0.26 -7.93 -2.81
N GLU A 49 0.10 -8.48 -1.66
CA GLU A 49 -0.89 -8.93 -0.69
C GLU A 49 -2.00 -7.90 -0.50
N CYS A 50 -3.03 -8.00 -1.32
CA CYS A 50 -4.16 -7.08 -1.24
C CYS A 50 -5.33 -7.70 -0.47
N SER A 51 -5.55 -7.20 0.75
CA SER A 51 -6.62 -7.70 1.59
C SER A 51 -7.88 -6.85 1.42
N PHE A 52 -8.12 -6.38 0.20
CA PHE A 52 -9.29 -5.57 -0.09
C PHE A 52 -10.20 -6.26 -1.11
N ASP A 53 -11.49 -5.96 -1.03
CA ASP A 53 -12.46 -6.55 -1.95
C ASP A 53 -13.15 -5.47 -2.79
N PHE A 54 -12.48 -5.03 -3.85
CA PHE A 54 -13.02 -4.00 -4.72
C PHE A 54 -14.45 -4.35 -5.15
N LYS A 55 -14.68 -5.63 -5.41
CA LYS A 55 -15.99 -6.10 -5.83
C LYS A 55 -16.58 -7.07 -4.81
N GLU A 56 -17.90 -7.26 -4.87
CA GLU A 56 -18.58 -8.16 -3.94
C GLU A 56 -18.91 -9.49 -4.63
N VAL A 57 -17.91 -10.36 -4.72
CA VAL A 57 -18.10 -11.66 -5.35
C VAL A 57 -18.87 -12.61 -4.44
N GLY A 58 -18.55 -12.58 -3.15
CA GLY A 58 -19.23 -13.44 -2.19
C GLY A 58 -19.38 -14.85 -2.70
N SER A 59 -18.37 -15.69 -2.42
CA SER A 59 -18.39 -17.08 -2.85
C SER A 59 -17.32 -17.89 -2.12
N GLY A 60 -17.47 -19.22 -2.16
CA GLY A 60 -16.51 -20.08 -1.49
C GLY A 60 -16.43 -21.44 -2.14
N PRO A 61 -17.44 -22.29 -1.89
CA PRO A 61 -17.49 -23.64 -2.45
C PRO A 61 -17.72 -23.64 -3.96
N SER A 62 -17.38 -24.75 -4.61
CA SER A 62 -17.54 -24.88 -6.05
C SER A 62 -19.01 -24.75 -6.45
N SER A 63 -19.25 -24.30 -7.67
CA SER A 63 -20.60 -24.12 -8.18
C SER A 63 -20.78 -24.80 -9.53
N GLY A 64 -21.85 -25.59 -9.65
CA GLY A 64 -22.11 -26.29 -10.89
C GLY A 64 -23.53 -26.07 -11.40
ZN ZN B . 7.72 -1.88 -8.16
ZN ZN C . -4.00 -3.60 -2.73
N GLY A 1 32.38 -0.61 24.68
CA GLY A 1 31.22 -1.33 24.16
C GLY A 1 30.08 -1.37 25.14
N SER A 2 28.88 -1.02 24.67
CA SER A 2 27.69 -1.01 25.51
C SER A 2 26.45 -1.36 24.70
N SER A 3 25.65 -2.28 25.23
CA SER A 3 24.43 -2.70 24.56
C SER A 3 23.19 -2.22 25.31
N GLY A 4 22.33 -1.48 24.62
CA GLY A 4 21.13 -0.97 25.24
C GLY A 4 20.64 0.31 24.60
N SER A 5 20.28 0.24 23.32
CA SER A 5 19.80 1.41 22.58
C SER A 5 18.55 1.07 21.79
N SER A 6 17.41 1.60 22.24
CA SER A 6 16.14 1.36 21.57
C SER A 6 15.84 2.45 20.55
N GLY A 7 14.83 2.22 19.72
CA GLY A 7 14.46 3.19 18.71
C GLY A 7 13.22 2.78 17.94
N PRO A 8 12.55 3.77 17.32
CA PRO A 8 11.33 3.54 16.55
C PRO A 8 11.61 2.79 15.25
N SER A 9 10.56 2.24 14.65
CA SER A 9 10.70 1.49 13.40
C SER A 9 11.12 2.41 12.27
N ARG A 10 10.31 3.42 11.99
CA ARG A 10 10.61 4.37 10.92
C ARG A 10 10.07 5.76 11.26
N PRO A 11 10.87 6.79 10.97
CA PRO A 11 10.50 8.19 11.24
C PRO A 11 9.38 8.67 10.32
N VAL A 12 9.20 9.99 10.26
CA VAL A 12 8.17 10.57 9.42
C VAL A 12 8.58 10.58 7.95
N ARG A 13 9.10 9.44 7.48
CA ARG A 13 9.54 9.32 6.09
C ARG A 13 8.36 9.47 5.14
N PRO A 14 8.67 9.79 3.87
CA PRO A 14 7.65 9.97 2.84
C PRO A 14 6.98 8.66 2.44
N ASN A 15 6.10 8.73 1.45
CA ASN A 15 5.40 7.54 0.98
C ASN A 15 5.70 7.27 -0.49
N ASN A 16 6.89 7.66 -0.92
CA ASN A 16 7.31 7.47 -2.31
C ASN A 16 8.18 6.22 -2.44
N ARG A 17 7.52 5.06 -2.57
CA ARG A 17 8.23 3.79 -2.71
C ARG A 17 7.27 2.67 -3.09
N CYS A 18 7.80 1.65 -3.76
CA CYS A 18 6.99 0.52 -4.19
C CYS A 18 6.90 -0.54 -3.09
N PHE A 19 5.69 -1.01 -2.83
CA PHE A 19 5.46 -2.01 -1.80
C PHE A 19 5.76 -3.41 -2.34
N SER A 20 6.60 -3.48 -3.36
CA SER A 20 6.97 -4.75 -3.97
C SER A 20 8.47 -4.85 -4.19
N CYS A 21 9.08 -3.72 -4.58
CA CYS A 21 10.50 -3.67 -4.82
C CYS A 21 11.16 -2.56 -4.01
N ASN A 22 10.34 -1.67 -3.45
CA ASN A 22 10.83 -0.57 -2.64
C ASN A 22 11.45 0.52 -3.52
N LYS A 23 11.01 0.57 -4.77
CA LYS A 23 11.51 1.56 -5.72
C LYS A 23 10.81 2.90 -5.53
N LYS A 24 11.53 3.88 -4.99
CA LYS A 24 10.98 5.20 -4.76
C LYS A 24 10.12 5.65 -5.94
N VAL A 25 8.82 5.75 -5.71
CA VAL A 25 7.89 6.17 -6.76
C VAL A 25 7.59 7.66 -6.65
N GLY A 26 8.48 8.40 -6.01
CA GLY A 26 8.30 9.83 -5.85
C GLY A 26 6.84 10.20 -5.66
N VAL A 27 6.43 11.33 -6.24
CA VAL A 27 5.07 11.80 -6.13
C VAL A 27 4.22 11.34 -7.31
N MET A 28 4.61 10.21 -7.90
CA MET A 28 3.90 9.66 -9.04
C MET A 28 3.70 8.15 -8.89
N GLY A 29 3.43 7.72 -7.66
CA GLY A 29 3.22 6.31 -7.39
C GLY A 29 1.78 5.90 -7.57
N PHE A 30 1.54 4.59 -7.60
CA PHE A 30 0.19 4.07 -7.76
C PHE A 30 -0.32 3.43 -6.47
N LYS A 31 -1.09 4.19 -5.71
CA LYS A 31 -1.64 3.70 -4.45
C LYS A 31 -2.87 2.82 -4.69
N CYS A 32 -2.79 1.58 -4.22
CA CYS A 32 -3.89 0.64 -4.38
C CYS A 32 -4.95 0.85 -3.29
N LYS A 33 -6.13 0.29 -3.52
CA LYS A 33 -7.22 0.41 -2.55
C LYS A 33 -6.79 -0.10 -1.18
N CYS A 34 -5.93 -1.11 -1.17
CA CYS A 34 -5.44 -1.69 0.07
C CYS A 34 -4.74 -0.63 0.92
N GLY A 35 -4.23 0.40 0.27
CA GLY A 35 -3.54 1.46 0.97
C GLY A 35 -2.03 1.33 0.90
N SER A 36 -1.54 0.79 -0.22
CA SER A 36 -0.11 0.60 -0.41
C SER A 36 0.38 1.32 -1.67
N THR A 37 1.62 1.78 -1.64
CA THR A 37 2.19 2.49 -2.78
C THR A 37 2.98 1.53 -3.67
N PHE A 38 2.88 1.73 -4.98
CA PHE A 38 3.59 0.89 -5.94
C PHE A 38 4.14 1.72 -7.10
N CYS A 39 5.03 1.12 -7.87
CA CYS A 39 5.64 1.81 -9.01
C CYS A 39 4.95 1.41 -10.31
N GLY A 40 3.64 1.24 -10.25
CA GLY A 40 2.88 0.86 -11.42
C GLY A 40 3.01 -0.61 -11.77
N SER A 41 4.26 -1.09 -11.78
CA SER A 41 4.52 -2.49 -12.09
C SER A 41 3.99 -3.41 -11.00
N HIS A 42 3.77 -2.84 -9.82
CA HIS A 42 3.26 -3.61 -8.70
C HIS A 42 1.99 -2.96 -8.15
N ARG A 43 1.34 -2.20 -9.03
CA ARG A 43 0.11 -1.50 -8.66
C ARG A 43 -1.08 -2.46 -8.63
N TYR A 44 -0.88 -3.64 -9.21
CA TYR A 44 -1.94 -4.65 -9.25
C TYR A 44 -2.10 -5.33 -7.90
N PRO A 45 -3.35 -5.69 -7.56
CA PRO A 45 -3.68 -6.35 -6.29
C PRO A 45 -3.14 -7.78 -6.23
N GLU A 46 -2.92 -8.37 -7.40
CA GLU A 46 -2.41 -9.73 -7.47
C GLU A 46 -0.90 -9.77 -7.22
N LYS A 47 -0.25 -8.64 -7.45
CA LYS A 47 1.19 -8.54 -7.26
C LYS A 47 1.51 -7.95 -5.88
N HIS A 48 0.55 -8.06 -4.97
CA HIS A 48 0.75 -7.53 -3.62
C HIS A 48 -0.45 -7.90 -2.75
N GLU A 49 -0.18 -8.07 -1.46
CA GLU A 49 -1.22 -8.42 -0.51
C GLU A 49 -2.26 -7.29 -0.38
N CYS A 50 -3.08 -7.14 -1.41
CA CYS A 50 -4.10 -6.11 -1.42
C CYS A 50 -5.16 -6.39 -0.36
N SER A 51 -5.48 -7.66 -0.16
CA SER A 51 -6.48 -8.06 0.83
C SER A 51 -7.64 -7.07 0.83
N PHE A 52 -7.97 -6.54 -0.34
CA PHE A 52 -9.07 -5.59 -0.46
C PHE A 52 -10.25 -6.21 -1.20
N ASP A 53 -11.44 -6.09 -0.60
CA ASP A 53 -12.65 -6.64 -1.20
C ASP A 53 -13.21 -5.71 -2.26
N PHE A 54 -12.74 -5.87 -3.50
CA PHE A 54 -13.20 -5.03 -4.60
C PHE A 54 -14.68 -5.23 -4.86
N LYS A 55 -15.10 -6.50 -4.90
CA LYS A 55 -16.50 -6.83 -5.14
C LYS A 55 -17.40 -6.20 -4.08
N GLU A 56 -18.31 -5.35 -4.53
CA GLU A 56 -19.23 -4.68 -3.61
C GLU A 56 -20.62 -5.31 -3.69
N VAL A 57 -21.43 -5.05 -2.66
CA VAL A 57 -22.79 -5.59 -2.61
C VAL A 57 -23.81 -4.58 -3.10
N GLY A 58 -24.77 -5.05 -3.90
CA GLY A 58 -25.79 -4.16 -4.42
C GLY A 58 -27.14 -4.40 -3.78
N SER A 59 -27.18 -4.39 -2.45
CA SER A 59 -28.41 -4.61 -1.72
C SER A 59 -29.20 -5.78 -2.30
N GLY A 60 -28.47 -6.85 -2.64
CA GLY A 60 -29.12 -8.02 -3.21
C GLY A 60 -28.47 -9.32 -2.75
N PRO A 61 -29.30 -10.33 -2.49
CA PRO A 61 -28.83 -11.65 -2.03
C PRO A 61 -28.10 -12.40 -3.13
N SER A 62 -27.06 -13.14 -2.73
CA SER A 62 -26.27 -13.92 -3.68
C SER A 62 -26.38 -15.41 -3.39
N SER A 63 -26.88 -16.16 -4.37
CA SER A 63 -27.04 -17.60 -4.22
C SER A 63 -25.74 -18.25 -3.76
N GLY A 64 -24.68 -18.04 -4.51
CA GLY A 64 -23.39 -18.60 -4.16
C GLY A 64 -23.32 -20.09 -4.45
ZN ZN B . 7.71 -1.88 -8.08
ZN ZN C . -3.88 -3.42 -3.09
N GLY A 1 -3.34 3.42 33.84
CA GLY A 1 -1.94 3.24 33.50
C GLY A 1 -1.75 2.37 32.29
N SER A 2 -0.83 2.76 31.41
CA SER A 2 -0.56 2.00 30.20
C SER A 2 0.82 2.34 29.64
N SER A 3 1.48 1.34 29.07
CA SER A 3 2.82 1.54 28.50
C SER A 3 2.73 2.04 27.07
N GLY A 4 3.81 2.68 26.61
CA GLY A 4 3.83 3.20 25.26
C GLY A 4 3.33 4.64 25.18
N SER A 5 3.74 5.35 24.14
CA SER A 5 3.33 6.73 23.95
C SER A 5 3.63 7.20 22.53
N SER A 6 2.83 8.14 22.04
CA SER A 6 3.00 8.67 20.70
C SER A 6 2.66 10.16 20.65
N GLY A 7 3.42 10.90 19.85
CA GLY A 7 3.18 12.33 19.73
C GLY A 7 1.83 12.65 19.11
N PRO A 8 1.77 13.76 18.37
CA PRO A 8 0.53 14.20 17.71
C PRO A 8 0.14 13.29 16.55
N SER A 9 1.09 13.04 15.66
CA SER A 9 0.84 12.18 14.50
C SER A 9 2.14 11.91 13.74
N ARG A 10 2.16 10.80 13.01
CA ARG A 10 3.34 10.42 12.23
C ARG A 10 3.97 11.64 11.58
N PRO A 11 5.31 11.68 11.55
CA PRO A 11 6.06 12.78 10.95
C PRO A 11 5.94 12.82 9.43
N VAL A 12 6.85 13.52 8.78
CA VAL A 12 6.86 13.63 7.33
C VAL A 12 7.33 12.34 6.68
N ARG A 13 6.81 11.21 7.16
CA ARG A 13 7.19 9.91 6.62
C ARG A 13 6.94 9.84 5.12
N PRO A 14 8.01 9.62 4.35
CA PRO A 14 7.93 9.53 2.88
C PRO A 14 7.22 8.27 2.42
N ASN A 15 6.18 8.44 1.60
CA ASN A 15 5.42 7.32 1.09
C ASN A 15 5.75 7.06 -0.38
N ASN A 16 6.93 7.51 -0.81
CA ASN A 16 7.37 7.32 -2.19
C ASN A 16 8.21 6.06 -2.33
N ARG A 17 7.55 4.93 -2.48
CA ARG A 17 8.25 3.65 -2.62
C ARG A 17 7.28 2.55 -3.03
N CYS A 18 7.78 1.55 -3.75
CA CYS A 18 6.97 0.43 -4.21
C CYS A 18 6.82 -0.61 -3.11
N PHE A 19 5.60 -1.09 -2.90
CA PHE A 19 5.32 -2.09 -1.89
C PHE A 19 5.63 -3.49 -2.40
N SER A 20 6.53 -3.57 -3.39
CA SER A 20 6.91 -4.85 -3.98
C SER A 20 8.42 -4.94 -4.13
N CYS A 21 9.03 -3.86 -4.60
CA CYS A 21 10.47 -3.82 -4.79
C CYS A 21 11.10 -2.71 -3.96
N ASN A 22 10.26 -1.86 -3.39
CA ASN A 22 10.73 -0.75 -2.57
C ASN A 22 11.39 0.32 -3.43
N LYS A 23 11.00 0.38 -4.70
CA LYS A 23 11.54 1.36 -5.63
C LYS A 23 10.85 2.71 -5.46
N LYS A 24 11.56 3.67 -4.86
CA LYS A 24 11.02 5.00 -4.65
C LYS A 24 10.15 5.43 -5.82
N VAL A 25 8.86 5.66 -5.56
CA VAL A 25 7.93 6.08 -6.59
C VAL A 25 7.61 7.57 -6.48
N GLY A 26 8.53 8.32 -5.88
CA GLY A 26 8.34 9.75 -5.72
C GLY A 26 6.88 10.10 -5.51
N VAL A 27 6.45 11.22 -6.10
CA VAL A 27 5.08 11.67 -5.98
C VAL A 27 4.26 11.31 -7.21
N MET A 28 4.65 10.22 -7.87
CA MET A 28 3.95 9.76 -9.07
C MET A 28 3.72 8.25 -9.02
N GLY A 29 3.54 7.73 -7.81
CA GLY A 29 3.31 6.31 -7.66
C GLY A 29 1.85 5.94 -7.82
N PHE A 30 1.58 4.63 -7.85
CA PHE A 30 0.21 4.14 -8.00
C PHE A 30 -0.34 3.64 -6.67
N LYS A 31 -1.14 4.47 -6.01
CA LYS A 31 -1.73 4.12 -4.72
C LYS A 31 -2.97 3.25 -4.93
N CYS A 32 -2.97 2.07 -4.32
CA CYS A 32 -4.09 1.15 -4.43
C CYS A 32 -5.16 1.46 -3.37
N LYS A 33 -6.38 1.01 -3.63
CA LYS A 33 -7.49 1.24 -2.71
C LYS A 33 -7.14 0.75 -1.31
N CYS A 34 -6.35 -0.32 -1.25
CA CYS A 34 -5.95 -0.90 0.03
C CYS A 34 -5.17 0.12 0.86
N GLY A 35 -4.34 0.92 0.19
CA GLY A 35 -3.56 1.92 0.89
C GLY A 35 -2.07 1.69 0.77
N SER A 36 -1.65 1.07 -0.33
CA SER A 36 -0.24 0.77 -0.55
C SER A 36 0.28 1.51 -1.78
N THR A 37 1.56 1.83 -1.77
CA THR A 37 2.19 2.53 -2.88
C THR A 37 2.99 1.59 -3.76
N PHE A 38 2.87 1.74 -5.07
CA PHE A 38 3.59 0.89 -6.02
C PHE A 38 4.20 1.72 -7.14
N CYS A 39 5.13 1.13 -7.86
CA CYS A 39 5.81 1.80 -8.97
C CYS A 39 5.12 1.52 -10.29
N GLY A 40 3.80 1.35 -10.25
CA GLY A 40 3.04 1.07 -11.45
C GLY A 40 3.14 -0.39 -11.87
N SER A 41 4.35 -0.94 -11.78
CA SER A 41 4.58 -2.33 -12.16
C SER A 41 4.04 -3.29 -11.10
N HIS A 42 3.85 -2.77 -9.88
CA HIS A 42 3.34 -3.58 -8.80
C HIS A 42 2.10 -2.92 -8.21
N ARG A 43 1.44 -2.12 -9.05
CA ARG A 43 0.23 -1.41 -8.64
C ARG A 43 -0.97 -2.36 -8.61
N TYR A 44 -0.83 -3.51 -9.26
CA TYR A 44 -1.89 -4.49 -9.31
C TYR A 44 -2.04 -5.22 -7.98
N PRO A 45 -3.26 -5.66 -7.67
CA PRO A 45 -3.57 -6.37 -6.43
C PRO A 45 -2.95 -7.77 -6.40
N GLU A 46 -2.91 -8.41 -7.57
CA GLU A 46 -2.35 -9.76 -7.67
C GLU A 46 -0.83 -9.74 -7.47
N LYS A 47 -0.24 -8.56 -7.64
CA LYS A 47 1.20 -8.40 -7.48
C LYS A 47 1.53 -7.82 -6.11
N HIS A 48 0.58 -7.92 -5.18
CA HIS A 48 0.79 -7.40 -3.84
C HIS A 48 -0.38 -7.82 -2.95
N GLU A 49 -0.03 -8.40 -1.81
CA GLU A 49 -1.03 -8.86 -0.85
C GLU A 49 -2.12 -7.82 -0.65
N CYS A 50 -3.17 -7.91 -1.46
CA CYS A 50 -4.28 -6.98 -1.39
C CYS A 50 -5.47 -7.60 -0.65
N SER A 51 -5.55 -7.35 0.64
CA SER A 51 -6.64 -7.89 1.46
C SER A 51 -7.98 -7.32 1.02
N PHE A 52 -7.98 -6.04 0.68
CA PHE A 52 -9.20 -5.36 0.25
C PHE A 52 -10.10 -6.31 -0.54
N ASP A 53 -11.36 -6.38 -0.14
CA ASP A 53 -12.33 -7.26 -0.80
C ASP A 53 -13.00 -6.54 -1.97
N PHE A 54 -12.38 -6.64 -3.14
CA PHE A 54 -12.92 -5.98 -4.33
C PHE A 54 -14.26 -6.60 -4.72
N LYS A 55 -14.28 -7.92 -4.90
CA LYS A 55 -15.50 -8.62 -5.27
C LYS A 55 -15.82 -9.72 -4.27
N GLU A 56 -17.06 -10.18 -4.29
CA GLU A 56 -17.49 -11.25 -3.38
C GLU A 56 -16.61 -12.48 -3.52
N VAL A 57 -15.89 -12.81 -2.44
CA VAL A 57 -15.00 -13.97 -2.44
C VAL A 57 -15.71 -15.20 -1.92
N GLY A 58 -16.22 -15.12 -0.69
CA GLY A 58 -16.92 -16.24 -0.09
C GLY A 58 -17.11 -16.07 1.40
N SER A 59 -16.08 -16.44 2.17
CA SER A 59 -16.14 -16.33 3.62
C SER A 59 -16.30 -14.89 4.05
N GLY A 60 -17.55 -14.48 4.31
CA GLY A 60 -17.82 -13.12 4.73
C GLY A 60 -18.42 -13.05 6.13
N PRO A 61 -19.76 -13.01 6.20
CA PRO A 61 -20.49 -12.95 7.47
C PRO A 61 -20.39 -14.24 8.26
N SER A 62 -19.63 -15.19 7.74
CA SER A 62 -19.46 -16.49 8.40
C SER A 62 -18.70 -16.33 9.71
N SER A 63 -17.46 -15.87 9.62
CA SER A 63 -16.63 -15.68 10.80
C SER A 63 -15.64 -14.52 10.60
N GLY A 64 -15.39 -13.78 11.66
CA GLY A 64 -14.47 -12.65 11.58
C GLY A 64 -13.48 -12.63 12.72
ZN ZN B . 7.80 -1.99 -8.02
ZN ZN C . -3.99 -3.28 -2.97
N GLY A 1 23.10 8.17 37.02
CA GLY A 1 21.83 7.63 36.56
C GLY A 1 21.67 7.78 35.06
N SER A 2 21.07 6.76 34.43
CA SER A 2 20.84 6.77 32.99
C SER A 2 19.48 6.17 32.65
N SER A 3 19.04 6.40 31.41
CA SER A 3 17.76 5.88 30.96
C SER A 3 17.72 5.79 29.43
N GLY A 4 16.67 5.16 28.91
CA GLY A 4 16.53 5.02 27.47
C GLY A 4 15.98 3.66 27.08
N SER A 5 14.82 3.66 26.43
CA SER A 5 14.19 2.42 26.00
C SER A 5 13.70 2.53 24.56
N SER A 6 14.07 1.56 23.73
CA SER A 6 13.67 1.55 22.33
C SER A 6 12.17 1.76 22.20
N GLY A 7 11.72 2.06 20.97
CA GLY A 7 10.31 2.28 20.74
C GLY A 7 9.81 1.54 19.51
N PRO A 8 8.61 0.95 19.62
CA PRO A 8 7.99 0.21 18.53
C PRO A 8 7.54 1.10 17.38
N SER A 9 7.80 2.40 17.52
CA SER A 9 7.43 3.37 16.50
C SER A 9 8.33 3.24 15.27
N ARG A 10 7.96 3.94 14.20
CA ARG A 10 8.73 3.90 12.96
C ARG A 10 9.46 5.22 12.74
N PRO A 11 10.58 5.16 11.99
CA PRO A 11 11.38 6.34 11.68
C PRO A 11 10.68 7.29 10.72
N VAL A 12 11.41 8.27 10.21
CA VAL A 12 10.87 9.25 9.28
C VAL A 12 10.87 8.71 7.85
N ARG A 13 10.40 7.48 7.69
CA ARG A 13 10.36 6.85 6.38
C ARG A 13 9.22 7.43 5.53
N PRO A 14 9.56 7.91 4.33
CA PRO A 14 8.58 8.50 3.41
C PRO A 14 7.64 7.46 2.83
N ASN A 15 6.77 7.89 1.92
CA ASN A 15 5.81 6.99 1.29
C ASN A 15 6.20 6.70 -0.15
N ASN A 16 6.87 7.66 -0.78
CA ASN A 16 7.30 7.50 -2.17
C ASN A 16 8.15 6.24 -2.33
N ARG A 17 7.47 5.11 -2.49
CA ARG A 17 8.15 3.82 -2.67
C ARG A 17 7.17 2.74 -3.10
N CYS A 18 7.71 1.64 -3.61
CA CYS A 18 6.89 0.53 -4.06
C CYS A 18 6.74 -0.52 -2.97
N PHE A 19 5.52 -0.99 -2.76
CA PHE A 19 5.24 -2.00 -1.74
C PHE A 19 5.55 -3.40 -2.27
N SER A 20 6.42 -3.47 -3.27
CA SER A 20 6.81 -4.75 -3.86
C SER A 20 8.32 -4.83 -4.04
N CYS A 21 8.92 -3.73 -4.49
CA CYS A 21 10.36 -3.67 -4.70
C CYS A 21 10.99 -2.56 -3.87
N ASN A 22 10.15 -1.78 -3.20
CA ASN A 22 10.62 -0.68 -2.37
C ASN A 22 11.31 0.39 -3.22
N LYS A 23 10.92 0.45 -4.50
CA LYS A 23 11.49 1.43 -5.42
C LYS A 23 10.80 2.79 -5.25
N LYS A 24 11.55 3.77 -4.76
CA LYS A 24 11.03 5.11 -4.56
C LYS A 24 10.21 5.57 -5.77
N VAL A 25 8.90 5.67 -5.58
CA VAL A 25 8.01 6.09 -6.66
C VAL A 25 7.73 7.58 -6.58
N GLY A 26 8.60 8.31 -5.88
CA GLY A 26 8.42 9.74 -5.75
C GLY A 26 6.96 10.14 -5.60
N VAL A 27 6.48 10.95 -6.54
CA VAL A 27 5.09 11.40 -6.52
C VAL A 27 4.27 10.71 -7.60
N MET A 28 4.95 9.95 -8.47
CA MET A 28 4.28 9.24 -9.54
C MET A 28 4.02 7.78 -9.14
N GLY A 29 3.64 7.58 -7.89
CA GLY A 29 3.37 6.24 -7.40
C GLY A 29 1.89 5.88 -7.50
N PHE A 30 1.61 4.59 -7.66
CA PHE A 30 0.23 4.12 -7.77
C PHE A 30 -0.28 3.64 -6.41
N LYS A 31 -1.22 4.40 -5.85
CA LYS A 31 -1.81 4.06 -4.56
C LYS A 31 -3.05 3.20 -4.73
N CYS A 32 -3.00 1.98 -4.21
CA CYS A 32 -4.12 1.06 -4.31
C CYS A 32 -5.20 1.40 -3.28
N LYS A 33 -6.42 0.94 -3.53
CA LYS A 33 -7.53 1.19 -2.63
C LYS A 33 -7.18 0.76 -1.21
N CYS A 34 -6.37 -0.29 -1.09
CA CYS A 34 -5.96 -0.79 0.21
C CYS A 34 -5.19 0.26 0.99
N GLY A 35 -4.37 1.03 0.28
CA GLY A 35 -3.58 2.08 0.92
C GLY A 35 -2.09 1.83 0.81
N SER A 36 -1.68 1.18 -0.28
CA SER A 36 -0.28 0.87 -0.50
C SER A 36 0.24 1.59 -1.75
N THR A 37 1.52 1.95 -1.74
CA THR A 37 2.13 2.63 -2.87
C THR A 37 2.95 1.67 -3.73
N PHE A 38 2.84 1.81 -5.04
CA PHE A 38 3.57 0.96 -5.97
C PHE A 38 4.18 1.78 -7.10
N CYS A 39 5.08 1.15 -7.85
CA CYS A 39 5.75 1.83 -8.96
C CYS A 39 5.09 1.45 -10.29
N GLY A 40 3.77 1.29 -10.27
CA GLY A 40 3.05 0.93 -11.48
C GLY A 40 3.15 -0.55 -11.79
N SER A 41 4.37 -1.07 -11.80
CA SER A 41 4.61 -2.47 -12.09
C SER A 41 4.01 -3.37 -11.01
N HIS A 42 3.83 -2.80 -9.83
CA HIS A 42 3.27 -3.56 -8.72
C HIS A 42 2.00 -2.86 -8.21
N ARG A 43 1.40 -2.07 -9.10
CA ARG A 43 0.18 -1.33 -8.77
C ARG A 43 -1.01 -2.28 -8.65
N TYR A 44 -0.89 -3.45 -9.25
CA TYR A 44 -1.97 -4.44 -9.23
C TYR A 44 -2.06 -5.10 -7.86
N PRO A 45 -3.27 -5.56 -7.51
CA PRO A 45 -3.52 -6.22 -6.22
C PRO A 45 -2.86 -7.59 -6.13
N GLU A 46 -2.98 -8.36 -7.20
CA GLU A 46 -2.40 -9.70 -7.25
C GLU A 46 -0.88 -9.64 -7.10
N LYS A 47 -0.31 -8.47 -7.39
CA LYS A 47 1.13 -8.27 -7.31
C LYS A 47 1.56 -8.09 -5.85
N HIS A 48 0.69 -7.48 -5.06
CA HIS A 48 1.00 -7.25 -3.66
C HIS A 48 -0.05 -7.95 -2.78
N GLU A 49 -0.52 -9.09 -3.29
CA GLU A 49 -1.52 -9.87 -2.58
C GLU A 49 -2.48 -8.97 -1.80
N CYS A 50 -2.94 -7.91 -2.45
CA CYS A 50 -3.86 -6.96 -1.81
C CYS A 50 -4.91 -7.69 -0.98
N SER A 51 -5.08 -7.26 0.26
CA SER A 51 -6.05 -7.87 1.15
C SER A 51 -7.46 -7.38 0.86
N PHE A 52 -7.56 -6.13 0.40
CA PHE A 52 -8.85 -5.54 0.07
C PHE A 52 -9.77 -6.56 -0.60
N ASP A 53 -11.07 -6.41 -0.39
CA ASP A 53 -12.05 -7.32 -0.97
C ASP A 53 -13.10 -6.56 -1.78
N PHE A 54 -12.75 -6.21 -3.01
CA PHE A 54 -13.64 -5.46 -3.88
C PHE A 54 -14.96 -6.22 -4.07
N LYS A 55 -14.86 -7.53 -4.22
CA LYS A 55 -16.04 -8.37 -4.41
C LYS A 55 -16.37 -9.13 -3.13
N GLU A 56 -17.10 -8.49 -2.23
CA GLU A 56 -17.48 -9.11 -0.97
C GLU A 56 -18.41 -10.28 -1.20
N VAL A 57 -18.30 -11.30 -0.35
CA VAL A 57 -19.13 -12.50 -0.47
C VAL A 57 -20.52 -12.16 -0.99
N GLY A 58 -21.11 -13.07 -1.74
CA GLY A 58 -22.44 -12.85 -2.28
C GLY A 58 -22.41 -12.32 -3.70
N SER A 59 -22.38 -13.24 -4.67
CA SER A 59 -22.33 -12.86 -6.07
C SER A 59 -23.12 -13.86 -6.92
N GLY A 60 -23.70 -13.36 -8.02
CA GLY A 60 -24.46 -14.23 -8.90
C GLY A 60 -25.14 -13.45 -10.01
N PRO A 61 -24.76 -13.74 -11.27
CA PRO A 61 -25.34 -13.07 -12.44
C PRO A 61 -26.79 -13.47 -12.68
N SER A 62 -27.46 -12.71 -13.55
CA SER A 62 -28.86 -12.98 -13.86
C SER A 62 -29.05 -14.42 -14.33
N SER A 63 -30.05 -15.09 -13.77
CA SER A 63 -30.33 -16.48 -14.12
C SER A 63 -31.20 -16.55 -15.38
N GLY A 64 -30.88 -15.72 -16.36
CA GLY A 64 -31.64 -15.70 -17.60
C GLY A 64 -31.06 -16.62 -18.65
ZN ZN B . 7.61 -1.93 -8.05
ZN ZN C . -3.94 -3.17 -2.63
N GLY A 1 11.10 16.12 34.19
CA GLY A 1 11.16 16.96 33.02
C GLY A 1 12.49 16.83 32.30
N SER A 2 12.59 15.87 31.39
CA SER A 2 13.81 15.64 30.63
C SER A 2 13.73 16.30 29.25
N SER A 3 14.68 17.18 28.96
CA SER A 3 14.71 17.87 27.68
C SER A 3 15.51 17.08 26.65
N GLY A 4 15.20 17.29 25.37
CA GLY A 4 15.90 16.60 24.31
C GLY A 4 14.96 15.83 23.40
N SER A 5 14.04 16.55 22.77
CA SER A 5 13.08 15.93 21.87
C SER A 5 13.75 14.90 20.97
N SER A 6 13.12 13.74 20.82
CA SER A 6 13.66 12.67 19.99
C SER A 6 13.15 12.79 18.56
N GLY A 7 14.08 12.77 17.61
CA GLY A 7 13.70 12.87 16.21
C GLY A 7 13.68 11.53 15.51
N PRO A 8 12.86 11.41 14.47
CA PRO A 8 12.73 10.18 13.69
C PRO A 8 13.98 9.87 12.86
N SER A 9 14.02 8.69 12.27
CA SER A 9 15.16 8.29 11.46
C SER A 9 14.94 8.66 9.99
N ARG A 10 13.76 8.33 9.48
CA ARG A 10 13.42 8.63 8.09
C ARG A 10 13.32 10.14 7.88
N PRO A 11 13.83 10.61 6.73
CA PRO A 11 13.80 12.02 6.37
C PRO A 11 12.39 12.52 6.06
N VAL A 12 12.30 13.72 5.49
CA VAL A 12 11.01 14.31 5.14
C VAL A 12 10.50 13.75 3.81
N ARG A 13 10.51 12.43 3.69
CA ARG A 13 10.05 11.78 2.47
C ARG A 13 8.74 11.04 2.71
N PRO A 14 7.72 11.35 1.90
CA PRO A 14 6.40 10.72 2.01
C PRO A 14 6.40 9.26 1.59
N ASN A 15 5.23 8.71 1.34
CA ASN A 15 5.10 7.31 0.93
C ASN A 15 5.48 7.13 -0.54
N ASN A 16 6.67 7.61 -0.90
CA ASN A 16 7.16 7.51 -2.27
C ASN A 16 8.03 6.28 -2.45
N ARG A 17 7.41 5.11 -2.56
CA ARG A 17 8.13 3.86 -2.73
C ARG A 17 7.18 2.73 -3.13
N CYS A 18 7.75 1.67 -3.69
CA CYS A 18 6.95 0.52 -4.12
C CYS A 18 6.86 -0.52 -3.01
N PHE A 19 5.65 -1.00 -2.76
CA PHE A 19 5.41 -1.99 -1.72
C PHE A 19 5.73 -3.39 -2.23
N SER A 20 6.58 -3.47 -3.24
CA SER A 20 6.97 -4.75 -3.82
C SER A 20 8.48 -4.82 -4.01
N CYS A 21 9.08 -3.73 -4.46
CA CYS A 21 10.51 -3.67 -4.68
C CYS A 21 11.15 -2.56 -3.85
N ASN A 22 10.30 -1.69 -3.29
CA ASN A 22 10.78 -0.58 -2.48
C ASN A 22 11.41 0.51 -3.35
N LYS A 23 10.99 0.56 -4.60
CA LYS A 23 11.50 1.56 -5.53
C LYS A 23 10.78 2.89 -5.36
N LYS A 24 11.51 3.90 -4.89
CA LYS A 24 10.95 5.23 -4.68
C LYS A 24 10.09 5.65 -5.88
N VAL A 25 8.78 5.75 -5.66
CA VAL A 25 7.87 6.14 -6.72
C VAL A 25 7.56 7.63 -6.66
N GLY A 26 8.42 8.37 -5.96
CA GLY A 26 8.22 9.81 -5.83
C GLY A 26 6.75 10.18 -5.65
N VAL A 27 6.32 11.20 -6.37
CA VAL A 27 4.94 11.66 -6.28
C VAL A 27 4.13 11.20 -7.50
N MET A 28 4.56 10.09 -8.09
CA MET A 28 3.87 9.55 -9.27
C MET A 28 3.69 8.04 -9.13
N GLY A 29 3.36 7.60 -7.92
CA GLY A 29 3.16 6.18 -7.68
C GLY A 29 1.70 5.78 -7.79
N PHE A 30 1.44 4.47 -7.74
CA PHE A 30 0.08 3.97 -7.84
C PHE A 30 -0.41 3.47 -6.48
N LYS A 31 -1.21 4.28 -5.81
CA LYS A 31 -1.75 3.93 -4.50
C LYS A 31 -2.99 3.04 -4.65
N CYS A 32 -2.92 1.83 -4.13
CA CYS A 32 -4.03 0.89 -4.20
C CYS A 32 -5.09 1.22 -3.15
N LYS A 33 -6.32 0.79 -3.40
CA LYS A 33 -7.42 1.04 -2.48
C LYS A 33 -7.08 0.55 -1.07
N CYS A 34 -6.21 -0.46 -1.00
CA CYS A 34 -5.80 -1.01 0.29
C CYS A 34 -5.05 0.02 1.11
N GLY A 35 -4.25 0.84 0.43
CA GLY A 35 -3.47 1.86 1.11
C GLY A 35 -1.98 1.65 0.98
N SER A 36 -1.57 1.08 -0.13
CA SER A 36 -0.15 0.80 -0.38
C SER A 36 0.32 1.52 -1.64
N THR A 37 1.61 1.87 -1.67
CA THR A 37 2.19 2.55 -2.82
C THR A 37 2.99 1.59 -3.68
N PHE A 38 2.87 1.74 -5.00
CA PHE A 38 3.58 0.88 -5.94
C PHE A 38 4.15 1.70 -7.09
N CYS A 39 5.08 1.09 -7.83
CA CYS A 39 5.71 1.76 -8.96
C CYS A 39 5.05 1.34 -10.27
N GLY A 40 3.73 1.22 -10.25
CA GLY A 40 3.01 0.83 -11.45
C GLY A 40 3.14 -0.65 -11.75
N SER A 41 4.37 -1.14 -11.77
CA SER A 41 4.63 -2.54 -12.05
C SER A 41 4.06 -3.44 -10.94
N HIS A 42 3.88 -2.85 -9.77
CA HIS A 42 3.35 -3.61 -8.65
C HIS A 42 2.07 -2.93 -8.15
N ARG A 43 1.43 -2.19 -9.05
CA ARG A 43 0.20 -1.48 -8.72
C ARG A 43 -0.97 -2.45 -8.60
N TYR A 44 -0.82 -3.62 -9.21
CA TYR A 44 -1.86 -4.63 -9.19
C TYR A 44 -1.95 -5.30 -7.82
N PRO A 45 -3.15 -5.78 -7.47
CA PRO A 45 -3.39 -6.45 -6.18
C PRO A 45 -2.70 -7.81 -6.10
N GLU A 46 -2.81 -8.59 -7.17
CA GLU A 46 -2.20 -9.91 -7.21
C GLU A 46 -0.68 -9.82 -7.04
N LYS A 47 -0.13 -8.65 -7.37
CA LYS A 47 1.30 -8.43 -7.27
C LYS A 47 1.72 -8.23 -5.82
N HIS A 48 0.82 -7.66 -5.03
CA HIS A 48 1.11 -7.42 -3.62
C HIS A 48 0.05 -8.11 -2.76
N GLU A 49 -0.37 -9.28 -3.23
CA GLU A 49 -1.38 -10.06 -2.53
C GLU A 49 -2.33 -9.16 -1.75
N CYS A 50 -2.91 -8.18 -2.44
CA CYS A 50 -3.83 -7.24 -1.82
C CYS A 50 -4.96 -7.98 -1.10
N SER A 51 -5.42 -7.41 0.01
CA SER A 51 -6.49 -8.02 0.78
C SER A 51 -7.70 -7.09 0.88
N PHE A 52 -7.91 -6.30 -0.17
CA PHE A 52 -9.02 -5.36 -0.21
C PHE A 52 -10.32 -6.06 -0.59
N ASP A 53 -11.45 -5.43 -0.33
CA ASP A 53 -12.74 -6.00 -0.64
C ASP A 53 -13.35 -5.31 -1.86
N PHE A 54 -12.66 -5.43 -3.00
CA PHE A 54 -13.14 -4.82 -4.24
C PHE A 54 -14.53 -5.32 -4.59
N LYS A 55 -14.78 -6.61 -4.34
CA LYS A 55 -16.07 -7.21 -4.64
C LYS A 55 -16.91 -7.35 -3.37
N GLU A 56 -16.81 -6.36 -2.49
CA GLU A 56 -17.55 -6.36 -1.25
C GLU A 56 -17.72 -7.78 -0.71
N VAL A 57 -16.65 -8.57 -0.80
CA VAL A 57 -16.67 -9.95 -0.33
C VAL A 57 -16.96 -10.02 1.16
N GLY A 58 -18.21 -10.29 1.51
CA GLY A 58 -18.60 -10.38 2.90
C GLY A 58 -19.79 -9.51 3.23
N SER A 59 -20.07 -9.35 4.52
CA SER A 59 -21.20 -8.54 4.97
C SER A 59 -20.71 -7.25 5.61
N GLY A 60 -21.54 -6.21 5.55
CA GLY A 60 -21.18 -4.93 6.13
C GLY A 60 -22.11 -3.81 5.69
N PRO A 61 -22.19 -2.76 6.52
CA PRO A 61 -23.05 -1.61 6.24
C PRO A 61 -22.54 -0.77 5.07
N SER A 62 -21.43 -1.22 4.47
CA SER A 62 -20.83 -0.51 3.34
C SER A 62 -21.88 -0.26 2.25
N SER A 63 -22.60 0.84 2.38
CA SER A 63 -23.62 1.19 1.41
C SER A 63 -23.31 2.53 0.75
N GLY A 64 -23.16 2.51 -0.58
CA GLY A 64 -22.85 3.73 -1.31
C GLY A 64 -21.83 4.59 -0.60
ZN ZN B . 7.77 -1.95 -8.06
ZN ZN C . -3.82 -3.38 -2.57
N GLY A 1 15.47 3.27 34.73
CA GLY A 1 16.06 3.41 33.42
C GLY A 1 15.74 4.76 32.79
N SER A 2 15.79 4.82 31.46
CA SER A 2 15.52 6.06 30.73
C SER A 2 14.22 5.94 29.94
N SER A 3 14.19 4.99 29.00
CA SER A 3 13.02 4.78 28.18
C SER A 3 12.49 6.10 27.61
N GLY A 4 13.42 6.96 27.18
CA GLY A 4 13.04 8.24 26.64
C GLY A 4 12.94 8.23 25.12
N SER A 5 13.95 7.67 24.47
CA SER A 5 13.98 7.60 23.01
C SER A 5 13.99 6.14 22.54
N SER A 6 13.20 5.86 21.51
CA SER A 6 13.11 4.51 20.97
C SER A 6 13.51 4.50 19.50
N GLY A 7 14.57 5.22 19.17
CA GLY A 7 15.04 5.27 17.80
C GLY A 7 14.11 6.06 16.90
N PRO A 8 14.61 7.20 16.38
CA PRO A 8 13.83 8.06 15.49
C PRO A 8 13.58 7.43 14.13
N SER A 9 12.59 7.95 13.41
CA SER A 9 12.26 7.43 12.09
C SER A 9 11.20 8.31 11.41
N ARG A 10 11.30 8.42 10.09
CA ARG A 10 10.36 9.24 9.32
C ARG A 10 9.04 8.51 9.14
N PRO A 11 7.93 9.21 9.43
CA PRO A 11 6.59 8.64 9.32
C PRO A 11 6.18 8.43 7.86
N VAL A 12 4.88 8.22 7.63
CA VAL A 12 4.37 8.01 6.29
C VAL A 12 4.16 9.33 5.56
N ARG A 13 5.12 10.25 5.71
CA ARG A 13 5.04 11.55 5.07
C ARG A 13 5.27 11.43 3.56
N PRO A 14 6.43 10.92 3.18
CA PRO A 14 6.79 10.73 1.77
C PRO A 14 5.98 9.64 1.09
N ASN A 15 5.96 8.46 1.71
CA ASN A 15 5.22 7.33 1.18
C ASN A 15 5.56 7.10 -0.29
N ASN A 16 6.75 7.53 -0.69
CA ASN A 16 7.20 7.38 -2.07
C ASN A 16 8.07 6.14 -2.22
N ARG A 17 7.44 4.99 -2.41
CA ARG A 17 8.15 3.73 -2.57
C ARG A 17 7.21 2.62 -3.01
N CYS A 18 7.76 1.61 -3.67
CA CYS A 18 6.97 0.48 -4.15
C CYS A 18 6.85 -0.60 -3.06
N PHE A 19 5.63 -1.09 -2.85
CA PHE A 19 5.39 -2.12 -1.85
C PHE A 19 5.73 -3.50 -2.40
N SER A 20 6.59 -3.53 -3.41
CA SER A 20 7.00 -4.79 -4.03
C SER A 20 8.51 -4.83 -4.23
N CYS A 21 9.09 -3.70 -4.61
CA CYS A 21 10.53 -3.60 -4.84
C CYS A 21 11.13 -2.49 -3.99
N ASN A 22 10.27 -1.74 -3.30
CA ASN A 22 10.74 -0.65 -2.45
C ASN A 22 11.38 0.46 -3.29
N LYS A 23 11.00 0.53 -4.55
CA LYS A 23 11.53 1.53 -5.46
C LYS A 23 10.81 2.86 -5.28
N LYS A 24 11.51 3.85 -4.73
CA LYS A 24 10.95 5.17 -4.50
C LYS A 24 10.13 5.63 -5.71
N VAL A 25 8.82 5.75 -5.52
CA VAL A 25 7.94 6.19 -6.59
C VAL A 25 7.66 7.68 -6.51
N GLY A 26 8.56 8.41 -5.86
CA GLY A 26 8.40 9.85 -5.72
C GLY A 26 6.94 10.25 -5.61
N VAL A 27 6.53 11.22 -6.43
CA VAL A 27 5.17 11.71 -6.42
C VAL A 27 4.38 11.16 -7.60
N MET A 28 4.82 10.01 -8.12
CA MET A 28 4.16 9.37 -9.25
C MET A 28 3.92 7.89 -8.97
N GLY A 29 3.45 7.58 -7.77
CA GLY A 29 3.19 6.20 -7.41
C GLY A 29 1.73 5.83 -7.57
N PHE A 30 1.47 4.52 -7.69
CA PHE A 30 0.10 4.03 -7.86
C PHE A 30 -0.45 3.48 -6.54
N LYS A 31 -1.25 4.29 -5.86
CA LYS A 31 -1.84 3.88 -4.58
C LYS A 31 -3.06 3.01 -4.82
N CYS A 32 -3.02 1.78 -4.31
CA CYS A 32 -4.13 0.86 -4.46
C CYS A 32 -5.20 1.11 -3.39
N LYS A 33 -6.41 0.63 -3.66
CA LYS A 33 -7.52 0.82 -2.73
C LYS A 33 -7.15 0.30 -1.34
N CYS A 34 -6.25 -0.68 -1.29
CA CYS A 34 -5.81 -1.24 -0.04
C CYS A 34 -5.09 -0.21 0.82
N GLY A 35 -4.32 0.66 0.17
CA GLY A 35 -3.59 1.69 0.88
C GLY A 35 -2.09 1.52 0.77
N SER A 36 -1.64 0.88 -0.31
CA SER A 36 -0.23 0.65 -0.53
C SER A 36 0.26 1.40 -1.77
N THR A 37 1.54 1.76 -1.77
CA THR A 37 2.14 2.47 -2.89
C THR A 37 2.97 1.55 -3.77
N PHE A 38 2.85 1.72 -5.08
CA PHE A 38 3.60 0.90 -6.02
C PHE A 38 4.18 1.76 -7.14
N CYS A 39 5.13 1.18 -7.88
CA CYS A 39 5.78 1.89 -8.97
C CYS A 39 5.12 1.54 -10.31
N GLY A 40 3.81 1.33 -10.29
CA GLY A 40 3.09 1.00 -11.50
C GLY A 40 3.21 -0.47 -11.85
N SER A 41 4.44 -0.98 -11.89
CA SER A 41 4.69 -2.37 -12.22
C SER A 41 4.11 -3.30 -11.15
N HIS A 42 3.95 -2.76 -9.94
CA HIS A 42 3.41 -3.55 -8.84
C HIS A 42 2.15 -2.88 -8.31
N ARG A 43 1.51 -2.11 -9.18
CA ARG A 43 0.28 -1.40 -8.82
C ARG A 43 -0.91 -2.35 -8.78
N TYR A 44 -0.75 -3.50 -9.43
CA TYR A 44 -1.82 -4.50 -9.46
C TYR A 44 -1.95 -5.22 -8.12
N PRO A 45 -3.18 -5.63 -7.78
CA PRO A 45 -3.46 -6.33 -6.53
C PRO A 45 -2.88 -7.74 -6.50
N GLU A 46 -2.84 -8.37 -7.67
CA GLU A 46 -2.29 -9.73 -7.78
C GLU A 46 -0.78 -9.73 -7.57
N LYS A 47 -0.17 -8.56 -7.72
CA LYS A 47 1.27 -8.42 -7.54
C LYS A 47 1.60 -7.85 -6.17
N HIS A 48 0.66 -7.95 -5.25
CA HIS A 48 0.86 -7.44 -3.91
C HIS A 48 -0.30 -7.87 -3.01
N GLU A 49 0.06 -8.43 -1.86
CA GLU A 49 -0.94 -8.90 -0.90
C GLU A 49 -2.04 -7.87 -0.71
N CYS A 50 -3.09 -7.97 -1.53
CA CYS A 50 -4.21 -7.05 -1.44
C CYS A 50 -5.40 -7.69 -0.74
N SER A 51 -5.53 -7.43 0.55
CA SER A 51 -6.62 -7.98 1.35
C SER A 51 -7.81 -7.02 1.39
N PHE A 52 -8.08 -6.38 0.25
CA PHE A 52 -9.18 -5.44 0.16
C PHE A 52 -10.41 -6.10 -0.46
N ASP A 53 -11.57 -5.84 0.12
CA ASP A 53 -12.83 -6.41 -0.37
C ASP A 53 -13.29 -5.69 -1.63
N PHE A 54 -12.74 -6.09 -2.77
CA PHE A 54 -13.10 -5.48 -4.05
C PHE A 54 -14.53 -5.83 -4.44
N LYS A 55 -14.87 -7.12 -4.34
CA LYS A 55 -16.20 -7.60 -4.68
C LYS A 55 -16.75 -6.84 -5.89
N GLU A 56 -15.96 -6.80 -6.96
CA GLU A 56 -16.38 -6.12 -8.18
C GLU A 56 -16.55 -7.11 -9.33
N VAL A 57 -17.70 -7.79 -9.33
CA VAL A 57 -18.01 -8.77 -10.37
C VAL A 57 -18.60 -8.09 -11.60
N GLY A 58 -18.01 -6.96 -11.98
CA GLY A 58 -18.49 -6.23 -13.14
C GLY A 58 -19.76 -5.45 -12.86
N SER A 59 -20.64 -5.37 -13.85
CA SER A 59 -21.89 -4.65 -13.71
C SER A 59 -23.08 -5.54 -14.10
N GLY A 60 -23.76 -6.07 -13.10
CA GLY A 60 -24.91 -6.93 -13.35
C GLY A 60 -24.71 -8.34 -12.82
N PRO A 61 -25.65 -9.24 -13.15
CA PRO A 61 -25.60 -10.63 -12.70
C PRO A 61 -24.48 -11.41 -13.40
N SER A 62 -23.75 -12.22 -12.62
CA SER A 62 -22.65 -13.00 -13.14
C SER A 62 -22.15 -14.01 -12.11
N SER A 63 -22.01 -15.26 -12.52
CA SER A 63 -21.53 -16.30 -11.62
C SER A 63 -20.44 -15.78 -10.69
N GLY A 64 -20.54 -16.14 -9.42
CA GLY A 64 -19.56 -15.70 -8.44
C GLY A 64 -18.45 -16.70 -8.24
ZN ZN B . 7.75 -1.84 -8.18
ZN ZN C . -3.92 -3.41 -2.97
N GLY A 1 -9.06 24.74 27.77
CA GLY A 1 -8.08 23.67 27.73
C GLY A 1 -6.85 23.98 28.55
N SER A 2 -5.70 23.44 28.15
CA SER A 2 -4.46 23.66 28.86
C SER A 2 -3.36 24.13 27.91
N SER A 3 -2.28 24.67 28.49
CA SER A 3 -1.17 25.16 27.69
C SER A 3 -0.34 24.01 27.12
N GLY A 4 -0.26 23.96 25.79
CA GLY A 4 0.50 22.90 25.15
C GLY A 4 -0.33 22.15 24.12
N SER A 5 -0.23 22.57 22.86
CA SER A 5 -0.98 21.94 21.78
C SER A 5 -0.10 20.95 21.01
N SER A 6 -0.33 19.67 21.24
CA SER A 6 0.45 18.63 20.58
C SER A 6 -0.35 17.98 19.45
N GLY A 7 0.16 18.09 18.23
CA GLY A 7 -0.53 17.51 17.08
C GLY A 7 0.19 16.30 16.53
N PRO A 8 -0.52 15.17 16.43
CA PRO A 8 0.05 13.92 15.91
C PRO A 8 0.32 13.98 14.42
N SER A 9 1.57 14.25 14.06
CA SER A 9 1.95 14.36 12.66
C SER A 9 2.96 13.26 12.30
N ARG A 10 2.82 12.70 11.10
CA ARG A 10 3.72 11.65 10.64
C ARG A 10 5.16 12.13 10.62
N PRO A 11 6.10 11.24 10.97
CA PRO A 11 7.52 11.55 10.99
C PRO A 11 8.10 11.75 9.60
N VAL A 12 9.43 11.71 9.49
CA VAL A 12 10.10 11.90 8.21
C VAL A 12 10.16 10.59 7.43
N ARG A 13 9.03 9.89 7.38
CA ARG A 13 8.94 8.62 6.66
C ARG A 13 8.42 8.84 5.25
N PRO A 14 9.31 8.69 4.25
CA PRO A 14 8.95 8.86 2.84
C PRO A 14 8.05 7.74 2.34
N ASN A 15 6.92 8.12 1.74
CA ASN A 15 5.97 7.15 1.21
C ASN A 15 6.28 6.83 -0.25
N ASN A 16 6.92 7.77 -0.93
CA ASN A 16 7.27 7.60 -2.34
C ASN A 16 8.15 6.36 -2.53
N ARG A 17 7.50 5.19 -2.59
CA ARG A 17 8.22 3.93 -2.77
C ARG A 17 7.26 2.82 -3.15
N CYS A 18 7.81 1.72 -3.67
CA CYS A 18 7.00 0.58 -4.07
C CYS A 18 6.89 -0.44 -2.94
N PHE A 19 5.67 -0.92 -2.71
CA PHE A 19 5.42 -1.90 -1.65
C PHE A 19 5.76 -3.31 -2.13
N SER A 20 6.61 -3.40 -3.15
CA SER A 20 7.00 -4.69 -3.70
C SER A 20 8.51 -4.75 -3.92
N CYS A 21 9.07 -3.67 -4.44
CA CYS A 21 10.50 -3.59 -4.71
C CYS A 21 11.14 -2.44 -3.92
N ASN A 22 10.31 -1.68 -3.23
CA ASN A 22 10.79 -0.56 -2.44
C ASN A 22 11.43 0.51 -3.33
N LYS A 23 11.02 0.54 -4.59
CA LYS A 23 11.55 1.50 -5.54
C LYS A 23 10.86 2.86 -5.40
N LYS A 24 11.60 3.84 -4.90
CA LYS A 24 11.04 5.18 -4.71
C LYS A 24 10.19 5.59 -5.90
N VAL A 25 8.89 5.71 -5.66
CA VAL A 25 7.96 6.10 -6.72
C VAL A 25 7.65 7.60 -6.65
N GLY A 26 8.53 8.35 -6.02
CA GLY A 26 8.33 9.78 -5.90
C GLY A 26 6.87 10.15 -5.75
N VAL A 27 6.46 11.24 -6.42
CA VAL A 27 5.08 11.69 -6.37
C VAL A 27 4.29 11.18 -7.57
N MET A 28 4.75 10.10 -8.17
CA MET A 28 4.08 9.52 -9.33
C MET A 28 3.84 8.02 -9.12
N GLY A 29 3.57 7.64 -7.88
CA GLY A 29 3.32 6.25 -7.57
C GLY A 29 1.85 5.87 -7.71
N PHE A 30 1.58 4.57 -7.70
CA PHE A 30 0.21 4.08 -7.84
C PHE A 30 -0.31 3.56 -6.50
N LYS A 31 -1.15 4.36 -5.84
CA LYS A 31 -1.72 3.97 -4.56
C LYS A 31 -2.93 3.07 -4.75
N CYS A 32 -2.88 1.90 -4.13
CA CYS A 32 -3.97 0.93 -4.23
C CYS A 32 -5.08 1.25 -3.23
N LYS A 33 -6.28 0.78 -3.51
CA LYS A 33 -7.42 1.02 -2.62
C LYS A 33 -7.09 0.62 -1.19
N CYS A 34 -6.28 -0.42 -1.05
CA CYS A 34 -5.88 -0.90 0.27
C CYS A 34 -5.13 0.17 1.05
N GLY A 35 -4.33 0.95 0.34
CA GLY A 35 -3.56 2.01 0.98
C GLY A 35 -2.07 1.80 0.87
N SER A 36 -1.64 1.13 -0.19
CA SER A 36 -0.22 0.86 -0.40
C SER A 36 0.28 1.56 -1.66
N THR A 37 1.56 1.93 -1.65
CA THR A 37 2.17 2.60 -2.79
C THR A 37 2.97 1.63 -3.65
N PHE A 38 2.89 1.81 -4.96
CA PHE A 38 3.61 0.94 -5.89
C PHE A 38 4.20 1.75 -7.05
N CYS A 39 5.11 1.13 -7.80
CA CYS A 39 5.74 1.79 -8.93
C CYS A 39 5.04 1.43 -10.23
N GLY A 40 3.72 1.26 -10.17
CA GLY A 40 2.95 0.91 -11.35
C GLY A 40 3.09 -0.55 -11.72
N SER A 41 4.30 -1.08 -11.63
CA SER A 41 4.56 -2.47 -11.96
C SER A 41 4.02 -3.40 -10.88
N HIS A 42 3.85 -2.86 -9.68
CA HIS A 42 3.34 -3.64 -8.57
C HIS A 42 2.09 -2.97 -7.99
N ARG A 43 1.46 -2.16 -8.84
CA ARG A 43 0.25 -1.45 -8.44
C ARG A 43 -0.95 -2.39 -8.39
N TYR A 44 -0.82 -3.53 -9.05
CA TYR A 44 -1.90 -4.52 -9.08
C TYR A 44 -2.02 -5.25 -7.75
N PRO A 45 -3.23 -5.73 -7.44
CA PRO A 45 -3.49 -6.45 -6.18
C PRO A 45 -2.85 -7.83 -6.17
N GLU A 46 -2.97 -8.55 -7.27
CA GLU A 46 -2.40 -9.89 -7.38
C GLU A 46 -0.88 -9.83 -7.27
N LYS A 47 -0.31 -8.66 -7.49
CA LYS A 47 1.13 -8.47 -7.41
C LYS A 47 1.58 -8.34 -5.96
N HIS A 48 0.76 -7.69 -5.14
CA HIS A 48 1.08 -7.51 -3.75
C HIS A 48 0.03 -8.20 -2.88
N GLU A 49 -0.45 -9.33 -3.38
CA GLU A 49 -1.45 -10.12 -2.66
C GLU A 49 -2.37 -9.21 -1.84
N CYS A 50 -2.94 -8.21 -2.50
CA CYS A 50 -3.83 -7.26 -1.83
C CYS A 50 -4.97 -8.00 -1.12
N SER A 51 -5.58 -7.35 -0.14
CA SER A 51 -6.67 -7.94 0.61
C SER A 51 -7.86 -6.97 0.69
N PHE A 52 -8.02 -6.16 -0.34
CA PHE A 52 -9.11 -5.19 -0.39
C PHE A 52 -10.39 -5.84 -0.91
N ASP A 53 -11.34 -6.06 -0.01
CA ASP A 53 -12.62 -6.68 -0.38
C ASP A 53 -13.28 -5.90 -1.52
N PHE A 54 -12.95 -6.28 -2.75
CA PHE A 54 -13.51 -5.62 -3.93
C PHE A 54 -15.00 -5.95 -4.08
N LYS A 55 -15.32 -7.23 -3.98
CA LYS A 55 -16.71 -7.69 -4.10
C LYS A 55 -17.35 -7.82 -2.73
N GLU A 56 -18.67 -8.01 -2.72
CA GLU A 56 -19.42 -8.15 -1.48
C GLU A 56 -20.68 -8.98 -1.70
N VAL A 57 -20.72 -10.16 -1.08
CA VAL A 57 -21.87 -11.04 -1.19
C VAL A 57 -22.84 -10.87 -0.03
N GLY A 58 -24.13 -10.95 -0.31
CA GLY A 58 -25.13 -10.79 0.73
C GLY A 58 -26.52 -11.14 0.26
N SER A 59 -27.50 -11.04 1.15
CA SER A 59 -28.88 -11.36 0.83
C SER A 59 -29.41 -10.42 -0.26
N GLY A 60 -29.59 -10.96 -1.46
CA GLY A 60 -30.09 -10.16 -2.56
C GLY A 60 -30.32 -10.98 -3.81
N PRO A 61 -31.10 -10.43 -4.76
CA PRO A 61 -31.40 -11.10 -6.03
C PRO A 61 -30.19 -11.20 -6.94
N SER A 62 -29.40 -12.26 -6.74
CA SER A 62 -28.20 -12.47 -7.54
C SER A 62 -28.21 -13.86 -8.17
N SER A 63 -28.94 -14.00 -9.28
CA SER A 63 -29.04 -15.28 -9.97
C SER A 63 -29.75 -15.11 -11.31
N GLY A 64 -29.60 -16.11 -12.18
CA GLY A 64 -30.22 -16.05 -13.49
C GLY A 64 -30.52 -17.42 -14.05
ZN ZN B . 7.66 -1.87 -8.02
ZN ZN C . -3.73 -3.34 -2.56
N GLY A 1 28.45 11.75 29.33
CA GLY A 1 27.41 12.68 28.92
C GLY A 1 26.45 12.05 27.91
N SER A 2 25.28 12.66 27.77
CA SER A 2 24.27 12.16 26.84
C SER A 2 23.90 13.21 25.80
N SER A 3 23.58 12.77 24.60
CA SER A 3 23.21 13.67 23.51
C SER A 3 22.63 12.89 22.34
N GLY A 4 21.51 13.40 21.82
CA GLY A 4 20.87 12.75 20.69
C GLY A 4 20.59 13.70 19.54
N SER A 5 21.55 13.83 18.64
CA SER A 5 21.40 14.72 17.49
C SER A 5 21.46 13.94 16.19
N SER A 6 22.42 13.03 16.09
CA SER A 6 22.60 12.21 14.89
C SER A 6 22.06 10.80 15.11
N GLY A 7 21.07 10.42 14.31
CA GLY A 7 20.48 9.10 14.43
C GLY A 7 20.38 8.39 13.10
N PRO A 8 19.37 7.53 12.96
CA PRO A 8 19.14 6.76 11.73
C PRO A 8 18.67 7.63 10.57
N SER A 9 18.82 7.13 9.36
CA SER A 9 18.42 7.88 8.16
C SER A 9 16.95 8.30 8.27
N ARG A 10 16.51 9.09 7.29
CA ARG A 10 15.13 9.57 7.27
C ARG A 10 14.15 8.44 7.56
N PRO A 11 13.17 8.71 8.43
CA PRO A 11 12.15 7.72 8.79
C PRO A 11 11.19 7.41 7.66
N VAL A 12 10.12 6.68 7.97
CA VAL A 12 9.13 6.33 6.97
C VAL A 12 8.15 7.47 6.73
N ARG A 13 8.68 8.69 6.67
CA ARG A 13 7.84 9.87 6.46
C ARG A 13 7.29 9.88 5.03
N PRO A 14 8.20 9.85 4.05
CA PRO A 14 7.83 9.86 2.63
C PRO A 14 7.16 8.56 2.19
N ASN A 15 6.04 8.68 1.49
CA ASN A 15 5.30 7.51 1.01
C ASN A 15 5.65 7.22 -0.44
N ASN A 16 6.83 7.64 -0.87
CA ASN A 16 7.28 7.41 -2.24
C ASN A 16 8.14 6.16 -2.33
N ARG A 17 7.48 5.00 -2.49
CA ARG A 17 8.19 3.74 -2.59
C ARG A 17 7.24 2.62 -3.02
N CYS A 18 7.78 1.62 -3.70
CA CYS A 18 6.99 0.49 -4.17
C CYS A 18 6.89 -0.59 -3.09
N PHE A 19 5.67 -1.06 -2.84
CA PHE A 19 5.43 -2.09 -1.85
C PHE A 19 5.74 -3.47 -2.40
N SER A 20 6.61 -3.52 -3.42
CA SER A 20 6.98 -4.77 -4.05
C SER A 20 8.49 -4.86 -4.24
N CYS A 21 9.10 -3.72 -4.60
CA CYS A 21 10.54 -3.66 -4.82
C CYS A 21 11.17 -2.55 -3.98
N ASN A 22 10.32 -1.69 -3.43
CA ASN A 22 10.80 -0.58 -2.60
C ASN A 22 11.41 0.52 -3.47
N LYS A 23 10.99 0.58 -4.72
CA LYS A 23 11.50 1.59 -5.64
C LYS A 23 10.78 2.91 -5.45
N LYS A 24 11.49 3.90 -4.90
CA LYS A 24 10.93 5.21 -4.67
C LYS A 24 10.07 5.66 -5.85
N VAL A 25 8.75 5.74 -5.63
CA VAL A 25 7.82 6.15 -6.67
C VAL A 25 7.50 7.64 -6.56
N GLY A 26 8.39 8.38 -5.93
CA GLY A 26 8.18 9.81 -5.77
C GLY A 26 6.72 10.17 -5.61
N VAL A 27 6.29 11.21 -6.32
CA VAL A 27 4.91 11.66 -6.26
C VAL A 27 4.13 11.18 -7.47
N MET A 28 4.59 10.09 -8.07
CA MET A 28 3.92 9.52 -9.24
C MET A 28 3.72 8.03 -9.09
N GLY A 29 3.39 7.61 -7.87
CA GLY A 29 3.17 6.20 -7.61
C GLY A 29 1.70 5.80 -7.74
N PHE A 30 1.45 4.50 -7.76
CA PHE A 30 0.08 3.99 -7.88
C PHE A 30 -0.41 3.43 -6.55
N LYS A 31 -1.20 4.22 -5.84
CA LYS A 31 -1.73 3.81 -4.55
C LYS A 31 -2.95 2.89 -4.74
N CYS A 32 -2.95 1.78 -4.03
CA CYS A 32 -4.05 0.82 -4.12
C CYS A 32 -5.11 1.11 -3.06
N LYS A 33 -6.31 0.57 -3.26
CA LYS A 33 -7.41 0.77 -2.33
C LYS A 33 -7.02 0.33 -0.93
N CYS A 34 -6.13 -0.66 -0.84
CA CYS A 34 -5.67 -1.16 0.44
C CYS A 34 -4.91 -0.09 1.21
N GLY A 35 -4.18 0.74 0.48
CA GLY A 35 -3.41 1.81 1.12
C GLY A 35 -1.92 1.63 0.96
N SER A 36 -1.52 0.96 -0.12
CA SER A 36 -0.11 0.71 -0.38
C SER A 36 0.36 1.46 -1.63
N THR A 37 1.63 1.80 -1.67
CA THR A 37 2.20 2.53 -2.80
C THR A 37 3.02 1.60 -3.68
N PHE A 38 2.83 1.72 -5.00
CA PHE A 38 3.55 0.89 -5.95
C PHE A 38 4.12 1.74 -7.09
N CYS A 39 5.04 1.15 -7.85
CA CYS A 39 5.66 1.86 -8.97
C CYS A 39 4.97 1.51 -10.28
N GLY A 40 3.66 1.31 -10.22
CA GLY A 40 2.90 0.97 -11.41
C GLY A 40 3.06 -0.49 -11.80
N SER A 41 4.30 -0.95 -11.85
CA SER A 41 4.59 -2.33 -12.21
C SER A 41 4.10 -3.30 -11.14
N HIS A 42 3.88 -2.78 -9.94
CA HIS A 42 3.41 -3.60 -8.83
C HIS A 42 2.15 -2.98 -8.24
N ARG A 43 1.44 -2.22 -9.07
CA ARG A 43 0.23 -1.56 -8.66
C ARG A 43 -0.95 -2.53 -8.66
N TYR A 44 -0.73 -3.71 -9.24
CA TYR A 44 -1.76 -4.73 -9.31
C TYR A 44 -1.92 -5.45 -7.98
N PRO A 45 -3.15 -5.89 -7.68
CA PRO A 45 -3.46 -6.59 -6.43
C PRO A 45 -2.85 -7.99 -6.41
N GLU A 46 -2.68 -8.59 -7.58
CA GLU A 46 -2.12 -9.93 -7.68
C GLU A 46 -0.61 -9.90 -7.45
N LYS A 47 -0.01 -8.72 -7.63
CA LYS A 47 1.41 -8.56 -7.44
C LYS A 47 1.73 -8.01 -6.05
N HIS A 48 0.76 -8.08 -5.16
CA HIS A 48 0.94 -7.60 -3.80
C HIS A 48 -0.23 -8.07 -2.93
N GLU A 49 0.13 -8.55 -1.75
CA GLU A 49 -0.86 -9.04 -0.79
C GLU A 49 -1.98 -8.02 -0.59
N CYS A 50 -2.99 -8.07 -1.47
CA CYS A 50 -4.10 -7.15 -1.39
C CYS A 50 -5.29 -7.79 -0.67
N SER A 51 -5.62 -7.25 0.51
CA SER A 51 -6.72 -7.77 1.30
C SER A 51 -7.94 -6.87 1.20
N PHE A 52 -8.13 -6.27 0.02
CA PHE A 52 -9.26 -5.37 -0.21
C PHE A 52 -10.39 -6.10 -0.95
N ASP A 53 -11.62 -5.74 -0.62
CA ASP A 53 -12.78 -6.36 -1.25
C ASP A 53 -13.36 -5.45 -2.33
N PHE A 54 -12.79 -5.52 -3.53
CA PHE A 54 -13.24 -4.71 -4.65
C PHE A 54 -14.68 -5.02 -5.01
N LYS A 55 -14.99 -6.32 -5.08
CA LYS A 55 -16.33 -6.77 -5.42
C LYS A 55 -17.37 -6.14 -4.49
N GLU A 56 -18.39 -5.51 -5.08
CA GLU A 56 -19.43 -4.86 -4.31
C GLU A 56 -20.74 -5.64 -4.40
N VAL A 57 -21.32 -5.96 -3.25
CA VAL A 57 -22.58 -6.71 -3.20
C VAL A 57 -23.73 -5.81 -2.78
N GLY A 58 -24.84 -5.89 -3.52
CA GLY A 58 -26.00 -5.08 -3.21
C GLY A 58 -26.89 -4.86 -4.40
N SER A 59 -26.61 -3.83 -5.18
CA SER A 59 -27.40 -3.51 -6.36
C SER A 59 -26.58 -2.73 -7.38
N GLY A 60 -26.72 -3.11 -8.66
CA GLY A 60 -25.97 -2.44 -9.71
C GLY A 60 -25.96 -3.23 -11.00
N PRO A 61 -25.97 -2.51 -12.14
CA PRO A 61 -25.97 -3.14 -13.46
C PRO A 61 -24.64 -3.80 -13.79
N SER A 62 -24.60 -5.13 -13.67
CA SER A 62 -23.40 -5.89 -13.94
C SER A 62 -23.19 -6.05 -15.44
N SER A 63 -24.20 -6.57 -16.12
CA SER A 63 -24.13 -6.79 -17.56
C SER A 63 -25.52 -6.74 -18.19
N GLY A 64 -25.56 -6.47 -19.49
CA GLY A 64 -26.83 -6.40 -20.19
C GLY A 64 -26.68 -5.88 -21.61
ZN ZN B . 7.80 -1.84 -8.12
ZN ZN C . -3.77 -3.46 -2.64
N GLY A 1 6.28 -5.27 41.21
CA GLY A 1 5.33 -4.79 40.22
C GLY A 1 6.00 -4.28 38.95
N SER A 2 5.37 -4.52 37.81
CA SER A 2 5.93 -4.10 36.53
C SER A 2 4.88 -4.20 35.43
N SER A 3 5.25 -3.74 34.24
CA SER A 3 4.33 -3.78 33.09
C SER A 3 5.08 -3.44 31.80
N GLY A 4 4.58 -3.98 30.68
CA GLY A 4 5.20 -3.73 29.41
C GLY A 4 4.29 -2.98 28.46
N SER A 5 4.85 -2.47 27.36
CA SER A 5 4.08 -1.73 26.37
C SER A 5 4.90 -1.52 25.10
N SER A 6 4.35 -1.98 23.97
CA SER A 6 5.03 -1.84 22.69
C SER A 6 4.08 -1.33 21.62
N GLY A 7 4.62 -0.88 20.50
CA GLY A 7 3.81 -0.37 19.42
C GLY A 7 4.64 0.13 18.25
N PRO A 8 4.69 -0.66 17.17
CA PRO A 8 5.45 -0.31 15.97
C PRO A 8 4.82 0.84 15.21
N SER A 9 5.16 2.07 15.59
CA SER A 9 4.63 3.26 14.94
C SER A 9 5.63 3.83 13.95
N ARG A 10 5.22 3.92 12.69
CA ARG A 10 6.08 4.46 11.64
C ARG A 10 6.14 5.97 11.71
N PRO A 11 7.36 6.52 11.57
CA PRO A 11 7.59 7.97 11.62
C PRO A 11 7.02 8.69 10.40
N VAL A 12 7.34 9.97 10.28
CA VAL A 12 6.86 10.77 9.15
C VAL A 12 7.70 10.52 7.91
N ARG A 13 7.99 9.26 7.63
CA ARG A 13 8.79 8.89 6.46
C ARG A 13 8.01 9.08 5.18
N PRO A 14 8.73 9.22 4.06
CA PRO A 14 8.12 9.42 2.74
C PRO A 14 7.40 8.18 2.24
N ASN A 15 6.19 8.37 1.71
CA ASN A 15 5.40 7.26 1.20
C ASN A 15 5.60 7.10 -0.31
N ASN A 16 6.77 7.51 -0.79
CA ASN A 16 7.09 7.41 -2.21
C ASN A 16 7.98 6.21 -2.49
N ARG A 17 7.38 5.03 -2.55
CA ARG A 17 8.12 3.80 -2.81
C ARG A 17 7.18 2.68 -3.23
N CYS A 18 7.75 1.62 -3.81
CA CYS A 18 6.96 0.48 -4.25
C CYS A 18 6.84 -0.57 -3.14
N PHE A 19 5.63 -1.05 -2.93
CA PHE A 19 5.39 -2.05 -1.89
C PHE A 19 5.70 -3.45 -2.41
N SER A 20 6.57 -3.52 -3.41
CA SER A 20 6.95 -4.80 -4.00
C SER A 20 8.47 -4.88 -4.19
N CYS A 21 9.05 -3.80 -4.69
CA CYS A 21 10.49 -3.75 -4.92
C CYS A 21 11.14 -2.67 -4.06
N ASN A 22 10.31 -1.81 -3.48
CA ASN A 22 10.80 -0.73 -2.62
C ASN A 22 11.43 0.38 -3.45
N LYS A 23 11.01 0.48 -4.71
CA LYS A 23 11.53 1.51 -5.61
C LYS A 23 10.80 2.83 -5.40
N LYS A 24 11.53 3.82 -4.89
CA LYS A 24 10.96 5.15 -4.65
C LYS A 24 10.09 5.60 -5.82
N VAL A 25 8.79 5.72 -5.58
CA VAL A 25 7.86 6.14 -6.61
C VAL A 25 7.54 7.63 -6.49
N GLY A 26 8.43 8.36 -5.83
CA GLY A 26 8.22 9.80 -5.66
C GLY A 26 6.75 10.16 -5.56
N VAL A 27 6.38 11.26 -6.21
CA VAL A 27 4.99 11.72 -6.20
C VAL A 27 4.24 11.24 -7.44
N MET A 28 4.68 10.11 -7.99
CA MET A 28 4.05 9.54 -9.17
C MET A 28 3.85 8.04 -9.01
N GLY A 29 3.44 7.62 -7.82
CA GLY A 29 3.22 6.21 -7.56
C GLY A 29 1.76 5.82 -7.69
N PHE A 30 1.50 4.52 -7.76
CA PHE A 30 0.14 4.02 -7.91
C PHE A 30 -0.36 3.45 -6.58
N LYS A 31 -1.16 4.23 -5.87
CA LYS A 31 -1.72 3.80 -4.58
C LYS A 31 -2.97 2.94 -4.78
N CYS A 32 -2.94 1.74 -4.24
CA CYS A 32 -4.07 0.82 -4.35
C CYS A 32 -5.11 1.11 -3.28
N LYS A 33 -6.35 0.70 -3.54
CA LYS A 33 -7.43 0.91 -2.59
C LYS A 33 -7.08 0.35 -1.22
N CYS A 34 -6.28 -0.71 -1.21
CA CYS A 34 -5.87 -1.34 0.03
C CYS A 34 -5.13 -0.35 0.93
N GLY A 35 -4.34 0.52 0.32
CA GLY A 35 -3.60 1.51 1.07
C GLY A 35 -2.10 1.35 0.93
N SER A 36 -1.66 0.79 -0.19
CA SER A 36 -0.25 0.58 -0.44
C SER A 36 0.20 1.30 -1.70
N THR A 37 1.46 1.71 -1.71
CA THR A 37 2.02 2.43 -2.86
C THR A 37 2.86 1.49 -3.73
N PHE A 38 2.78 1.69 -5.04
CA PHE A 38 3.53 0.88 -5.98
C PHE A 38 4.13 1.73 -7.11
N CYS A 39 5.06 1.15 -7.86
CA CYS A 39 5.71 1.85 -8.95
C CYS A 39 5.05 1.52 -10.28
N GLY A 40 3.74 1.30 -10.25
CA GLY A 40 3.01 0.97 -11.46
C GLY A 40 3.18 -0.49 -11.86
N SER A 41 4.39 -0.99 -11.73
CA SER A 41 4.68 -2.38 -12.09
C SER A 41 4.16 -3.33 -11.02
N HIS A 42 3.86 -2.80 -9.84
CA HIS A 42 3.36 -3.61 -8.75
C HIS A 42 2.11 -2.96 -8.17
N ARG A 43 1.46 -2.14 -8.99
CA ARG A 43 0.24 -1.44 -8.58
C ARG A 43 -0.93 -2.42 -8.49
N TYR A 44 -0.87 -3.48 -9.26
CA TYR A 44 -1.93 -4.49 -9.28
C TYR A 44 -2.05 -5.16 -7.91
N PRO A 45 -3.27 -5.64 -7.60
CA PRO A 45 -3.55 -6.31 -6.33
C PRO A 45 -2.88 -7.68 -6.23
N GLU A 46 -2.77 -8.35 -7.37
CA GLU A 46 -2.15 -9.68 -7.42
C GLU A 46 -0.63 -9.57 -7.27
N LYS A 47 -0.10 -8.39 -7.58
CA LYS A 47 1.33 -8.15 -7.49
C LYS A 47 1.76 -7.91 -6.04
N HIS A 48 0.82 -8.10 -5.12
CA HIS A 48 1.11 -7.89 -3.71
C HIS A 48 0.05 -8.59 -2.86
N GLU A 49 0.16 -8.38 -1.55
CA GLU A 49 -0.79 -8.98 -0.61
C GLU A 49 -2.05 -8.11 -0.48
N CYS A 50 -2.64 -7.77 -1.60
CA CYS A 50 -3.85 -6.95 -1.62
C CYS A 50 -5.00 -7.67 -0.92
N SER A 51 -5.42 -7.13 0.23
CA SER A 51 -6.50 -7.72 1.00
C SER A 51 -7.74 -6.81 0.98
N PHE A 52 -8.01 -6.22 -0.18
CA PHE A 52 -9.15 -5.33 -0.33
C PHE A 52 -10.40 -6.12 -0.70
N ASP A 53 -11.56 -5.55 -0.41
CA ASP A 53 -12.84 -6.19 -0.73
C ASP A 53 -13.46 -5.59 -1.98
N PHE A 54 -12.73 -5.65 -3.09
CA PHE A 54 -13.22 -5.10 -4.35
C PHE A 54 -14.60 -5.66 -4.69
N LYS A 55 -14.78 -6.95 -4.43
CA LYS A 55 -16.06 -7.61 -4.71
C LYS A 55 -17.23 -6.73 -4.28
N GLU A 56 -17.95 -6.19 -5.27
CA GLU A 56 -19.09 -5.33 -5.00
C GLU A 56 -20.36 -6.15 -4.76
N VAL A 57 -20.20 -7.27 -4.06
CA VAL A 57 -21.34 -8.15 -3.77
C VAL A 57 -22.03 -7.74 -2.47
N GLY A 58 -23.35 -7.72 -2.50
CA GLY A 58 -24.11 -7.35 -1.32
C GLY A 58 -24.81 -6.01 -1.48
N SER A 59 -26.14 -6.05 -1.51
CA SER A 59 -26.93 -4.82 -1.67
C SER A 59 -27.28 -4.23 -0.31
N GLY A 60 -26.60 -3.14 0.05
CA GLY A 60 -26.85 -2.49 1.32
C GLY A 60 -26.68 -0.99 1.25
N PRO A 61 -27.79 -0.27 0.99
CA PRO A 61 -27.77 1.19 0.89
C PRO A 61 -27.52 1.86 2.24
N SER A 62 -26.26 2.12 2.55
CA SER A 62 -25.89 2.76 3.80
C SER A 62 -26.85 3.89 4.14
N SER A 63 -26.93 4.23 5.42
CA SER A 63 -27.81 5.29 5.88
C SER A 63 -27.69 6.53 4.98
N GLY A 64 -28.79 7.26 4.84
CA GLY A 64 -28.78 8.45 4.00
C GLY A 64 -28.42 8.14 2.56
ZN ZN B . 7.71 -1.95 -8.15
ZN ZN C . -3.61 -3.45 -3.12
N GLY A 1 8.71 -15.32 16.05
CA GLY A 1 8.02 -14.30 15.30
C GLY A 1 7.92 -13.00 16.07
N SER A 2 9.04 -12.29 16.21
CA SER A 2 9.07 -11.03 16.94
C SER A 2 10.42 -10.34 16.79
N SER A 3 10.42 -9.02 16.77
CA SER A 3 11.65 -8.24 16.63
C SER A 3 11.37 -6.76 16.82
N GLY A 4 12.35 -6.04 17.37
CA GLY A 4 12.20 -4.62 17.58
C GLY A 4 13.04 -3.79 16.62
N SER A 5 13.64 -2.73 17.14
CA SER A 5 14.47 -1.85 16.32
C SER A 5 15.47 -1.08 17.18
N SER A 6 16.51 -0.55 16.54
CA SER A 6 17.53 0.20 17.25
C SER A 6 18.51 0.84 16.27
N GLY A 7 19.10 1.97 16.67
CA GLY A 7 20.05 2.65 15.82
C GLY A 7 19.38 3.71 14.96
N PRO A 8 20.13 4.24 13.98
CA PRO A 8 19.64 5.28 13.07
C PRO A 8 18.59 4.74 12.11
N SER A 9 17.32 4.97 12.42
CA SER A 9 16.22 4.51 11.58
C SER A 9 15.16 5.59 11.45
N ARG A 10 14.76 5.88 10.22
CA ARG A 10 13.74 6.88 9.95
C ARG A 10 12.34 6.29 10.12
N PRO A 11 11.39 7.15 10.53
CA PRO A 11 10.00 6.74 10.73
C PRO A 11 9.28 6.42 9.43
N VAL A 12 7.96 6.28 9.49
CA VAL A 12 7.16 5.96 8.31
C VAL A 12 6.84 7.23 7.52
N ARG A 13 7.70 8.22 7.63
CA ARG A 13 7.51 9.49 6.93
C ARG A 13 7.55 9.28 5.41
N PRO A 14 8.62 8.62 4.94
CA PRO A 14 8.79 8.35 3.51
C PRO A 14 7.79 7.32 2.99
N ASN A 15 7.10 7.66 1.92
CA ASN A 15 6.11 6.76 1.32
C ASN A 15 6.41 6.53 -0.16
N ASN A 16 7.04 7.52 -0.79
CA ASN A 16 7.37 7.44 -2.20
C ASN A 16 8.23 6.21 -2.49
N ARG A 17 7.59 5.05 -2.55
CA ARG A 17 8.30 3.80 -2.81
C ARG A 17 7.33 2.70 -3.21
N CYS A 18 7.86 1.63 -3.80
CA CYS A 18 7.05 0.51 -4.24
C CYS A 18 6.89 -0.53 -3.13
N PHE A 19 5.68 -0.98 -2.91
CA PHE A 19 5.41 -1.98 -1.87
C PHE A 19 5.68 -3.39 -2.39
N SER A 20 6.54 -3.48 -3.41
CA SER A 20 6.89 -4.77 -3.98
C SER A 20 8.39 -4.89 -4.18
N CYS A 21 9.01 -3.82 -4.68
CA CYS A 21 10.44 -3.80 -4.92
C CYS A 21 11.12 -2.75 -4.06
N ASN A 22 10.32 -1.87 -3.47
CA ASN A 22 10.84 -0.81 -2.61
C ASN A 22 11.51 0.29 -3.46
N LYS A 23 11.09 0.40 -4.71
CA LYS A 23 11.64 1.41 -5.62
C LYS A 23 10.94 2.75 -5.43
N LYS A 24 11.68 3.73 -4.94
CA LYS A 24 11.13 5.06 -4.72
C LYS A 24 10.23 5.48 -5.87
N VAL A 25 8.95 5.68 -5.58
CA VAL A 25 7.98 6.09 -6.59
C VAL A 25 7.67 7.57 -6.49
N GLY A 26 8.60 8.33 -5.92
CA GLY A 26 8.39 9.76 -5.77
C GLY A 26 6.94 10.12 -5.53
N VAL A 27 6.51 11.24 -6.11
CA VAL A 27 5.13 11.69 -5.96
C VAL A 27 4.29 11.32 -7.18
N MET A 28 4.67 10.22 -7.83
CA MET A 28 3.95 9.76 -9.02
C MET A 28 3.71 8.26 -8.95
N GLY A 29 3.56 7.73 -7.73
CA GLY A 29 3.33 6.32 -7.55
C GLY A 29 1.88 5.93 -7.73
N PHE A 30 1.59 4.64 -7.65
CA PHE A 30 0.22 4.15 -7.82
C PHE A 30 -0.31 3.58 -6.50
N LYS A 31 -1.17 4.36 -5.84
CA LYS A 31 -1.75 3.95 -4.57
C LYS A 31 -2.96 3.04 -4.80
N CYS A 32 -2.87 1.81 -4.33
CA CYS A 32 -3.96 0.85 -4.47
C CYS A 32 -5.07 1.12 -3.47
N LYS A 33 -6.28 0.70 -3.81
CA LYS A 33 -7.43 0.90 -2.94
C LYS A 33 -7.12 0.46 -1.51
N CYS A 34 -6.27 -0.55 -1.38
CA CYS A 34 -5.88 -1.06 -0.08
C CYS A 34 -5.14 0.00 0.73
N GLY A 35 -4.35 0.82 0.04
CA GLY A 35 -3.61 1.86 0.72
C GLY A 35 -2.11 1.63 0.66
N SER A 36 -1.65 1.01 -0.42
CA SER A 36 -0.23 0.73 -0.59
C SER A 36 0.34 1.45 -1.81
N THR A 37 1.60 1.85 -1.72
CA THR A 37 2.25 2.56 -2.81
C THR A 37 3.04 1.60 -3.69
N PHE A 38 2.92 1.78 -5.01
CA PHE A 38 3.62 0.92 -5.95
C PHE A 38 4.23 1.74 -7.08
N CYS A 39 5.15 1.13 -7.83
CA CYS A 39 5.82 1.81 -8.93
C CYS A 39 5.09 1.55 -10.25
N GLY A 40 3.77 1.42 -10.17
CA GLY A 40 2.98 1.17 -11.36
C GLY A 40 3.02 -0.28 -11.80
N SER A 41 4.22 -0.84 -11.84
CA SER A 41 4.41 -2.23 -12.24
C SER A 41 3.85 -3.18 -11.18
N HIS A 42 3.78 -2.71 -9.95
CA HIS A 42 3.28 -3.52 -8.86
C HIS A 42 2.01 -2.88 -8.28
N ARG A 43 1.39 -2.04 -9.10
CA ARG A 43 0.16 -1.35 -8.70
C ARG A 43 -1.00 -2.32 -8.63
N TYR A 44 -0.85 -3.49 -9.25
CA TYR A 44 -1.90 -4.50 -9.27
C TYR A 44 -2.00 -5.19 -7.92
N PRO A 45 -3.22 -5.60 -7.55
CA PRO A 45 -3.48 -6.29 -6.28
C PRO A 45 -2.90 -7.69 -6.25
N GLU A 46 -2.89 -8.36 -7.41
CA GLU A 46 -2.35 -9.70 -7.53
C GLU A 46 -0.84 -9.71 -7.33
N LYS A 47 -0.21 -8.55 -7.52
CA LYS A 47 1.22 -8.41 -7.36
C LYS A 47 1.57 -7.88 -5.98
N HIS A 48 0.63 -7.96 -5.06
CA HIS A 48 0.85 -7.49 -3.71
C HIS A 48 -0.32 -7.91 -2.82
N GLU A 49 0.03 -8.56 -1.70
CA GLU A 49 -0.97 -9.03 -0.76
C GLU A 49 -2.03 -7.96 -0.50
N CYS A 50 -3.09 -7.98 -1.31
CA CYS A 50 -4.17 -7.01 -1.18
C CYS A 50 -5.34 -7.60 -0.39
N SER A 51 -5.54 -7.13 0.83
CA SER A 51 -6.62 -7.61 1.68
C SER A 51 -7.90 -6.81 1.44
N PHE A 52 -8.10 -6.39 0.19
CA PHE A 52 -9.28 -5.62 -0.17
C PHE A 52 -10.32 -6.51 -0.83
N ASP A 53 -11.58 -6.36 -0.40
CA ASP A 53 -12.68 -7.15 -0.93
C ASP A 53 -13.40 -6.39 -2.04
N PHE A 54 -12.92 -6.53 -3.27
CA PHE A 54 -13.52 -5.85 -4.40
C PHE A 54 -14.86 -6.48 -4.77
N LYS A 55 -14.92 -7.81 -4.69
CA LYS A 55 -16.14 -8.54 -5.01
C LYS A 55 -17.37 -7.73 -4.63
N GLU A 56 -17.47 -7.38 -3.35
CA GLU A 56 -18.60 -6.59 -2.86
C GLU A 56 -18.81 -5.34 -3.70
N VAL A 57 -19.96 -5.26 -4.35
CA VAL A 57 -20.28 -4.11 -5.20
C VAL A 57 -20.83 -2.96 -4.36
N GLY A 58 -20.38 -1.75 -4.68
CA GLY A 58 -20.84 -0.57 -3.95
C GLY A 58 -19.69 0.24 -3.38
N SER A 59 -18.64 0.40 -4.17
CA SER A 59 -17.46 1.16 -3.73
C SER A 59 -17.80 2.64 -3.57
N GLY A 60 -18.33 3.24 -4.64
CA GLY A 60 -18.69 4.65 -4.59
C GLY A 60 -19.47 5.08 -5.82
N PRO A 61 -20.81 5.14 -5.67
CA PRO A 61 -21.70 5.55 -6.76
C PRO A 61 -21.57 7.02 -7.10
N SER A 62 -20.53 7.66 -6.55
CA SER A 62 -20.30 9.07 -6.80
C SER A 62 -20.84 9.50 -8.16
N SER A 63 -20.51 8.70 -9.18
CA SER A 63 -20.95 8.99 -10.54
C SER A 63 -22.47 8.94 -10.64
N GLY A 64 -23.05 10.00 -11.19
CA GLY A 64 -24.49 10.07 -11.33
C GLY A 64 -24.96 11.40 -11.89
ZN ZN B . 7.78 -1.97 -8.07
ZN ZN C . -3.96 -3.53 -2.88
#